data_9S3S
#
_entry.id   9S3S
#
_cell.length_a   1.00
_cell.length_b   1.00
_cell.length_c   1.00
_cell.angle_alpha   90.00
_cell.angle_beta   90.00
_cell.angle_gamma   90.00
#
_symmetry.space_group_name_H-M   'P 1'
#
_entity_poly.entity_id   1
_entity_poly.type   'polypeptide(L)'
_entity_poly.pdbx_seq_one_letter_code
;MAGRRKQRRSRAPRRKRTTGRKTLKRKADSRATPAKSTRKRTKTVSGAAKHHAVRVKPFSNATTQPKIPDGLLTSSLSRR
LQNVVGVRNGNSPSVHAGSDVMHVVIAPTLGVPVMIANSAEGVLKRPGLSQESSFIGFPGQTVGFENLIESTGVPTWPPT
IPTGQKLENKGGFVLWRIISQGLRIDLANSDEENDGWFEACRFNWRNVPRDVCMTPLDGSTTTNSIGIAPNPLWLEEVGY
GMAMVEQPGYKSGLLKDIKKAEFMLHPRTTTHDPTLIDPFEYGGSMTSSGGIDNVYYPSDNVSGNAVRFRDMGVDQNMDW
IYIRLHCRPNNGTSSLGSNFLFNVIQNVEVAFNPSSDFAAFQTINKADTKTKMVADGLNNNPDVFNGRRK
;
_entity_poly.pdbx_strand_id   A,B,C
#
# COMPACT_ATOMS: atom_id res chain seq x y z
N SER A 46 8.47 -1.52 33.12
CA SER A 46 7.77 -0.39 32.52
C SER A 46 6.36 -0.78 32.10
N GLY A 47 5.60 0.19 31.60
CA GLY A 47 4.25 -0.07 31.16
C GLY A 47 4.16 -0.85 29.87
N ALA A 48 5.21 -0.81 29.05
CA ALA A 48 5.24 -1.60 27.82
C ALA A 48 5.43 -3.08 28.08
N ALA A 49 5.74 -3.47 29.32
CA ALA A 49 5.96 -4.88 29.63
C ALA A 49 4.72 -5.71 29.36
N LYS A 50 3.55 -5.20 29.78
CA LYS A 50 2.32 -5.95 29.55
C LYS A 50 2.01 -6.07 28.06
N HIS A 51 2.27 -5.02 27.30
CA HIS A 51 2.06 -5.08 25.85
C HIS A 51 2.97 -6.11 25.20
N HIS A 52 4.25 -6.14 25.59
CA HIS A 52 5.16 -7.13 25.03
C HIS A 52 4.74 -8.54 25.44
N ALA A 53 4.28 -8.70 26.68
CA ALA A 53 3.83 -10.00 27.14
C ALA A 53 2.66 -10.51 26.31
N VAL A 54 1.69 -9.65 26.03
CA VAL A 54 0.58 -10.05 25.17
C VAL A 54 1.08 -10.31 23.75
N ARG A 55 2.07 -9.55 23.30
CA ARG A 55 2.61 -9.76 21.96
C ARG A 55 3.18 -11.17 21.83
N VAL A 56 3.91 -11.64 22.84
CA VAL A 56 4.54 -12.95 22.73
C VAL A 56 3.66 -14.09 23.26
N LYS A 57 2.66 -13.80 24.08
CA LYS A 57 1.75 -14.81 24.61
C LYS A 57 0.31 -14.35 24.41
N PRO A 58 -0.34 -14.78 23.33
CA PRO A 58 -1.68 -14.22 23.03
C PRO A 58 -2.70 -14.42 24.13
N PHE A 59 -2.60 -15.50 24.91
CA PHE A 59 -3.52 -15.77 26.00
C PHE A 59 -3.04 -15.17 27.33
N SER A 60 -1.98 -14.38 27.32
CA SER A 60 -1.46 -13.80 28.55
C SER A 60 -2.52 -12.92 29.20
N ASN A 61 -2.51 -12.90 30.54
CA ASN A 61 -3.41 -12.06 31.32
C ASN A 61 -2.77 -10.73 31.72
N ALA A 62 -1.77 -10.28 30.96
CA ALA A 62 -1.01 -9.10 31.37
C ALA A 62 -1.89 -7.85 31.39
N THR A 63 -2.75 -7.69 30.38
CA THR A 63 -3.59 -6.51 30.30
C THR A 63 -4.81 -6.81 29.45
N THR A 64 -5.91 -6.13 29.76
CA THR A 64 -7.14 -6.24 29.00
C THR A 64 -7.16 -5.34 27.77
N GLN A 65 -6.25 -4.37 27.68
CA GLN A 65 -6.18 -3.43 26.57
C GLN A 65 -4.76 -3.40 26.01
N PRO A 66 -4.35 -4.47 25.34
CA PRO A 66 -2.99 -4.50 24.77
C PRO A 66 -2.84 -3.58 23.57
N LYS A 67 -1.58 -3.31 23.23
CA LYS A 67 -1.24 -2.47 22.09
C LYS A 67 0.08 -2.96 21.53
N ILE A 68 0.37 -2.54 20.30
CA ILE A 68 1.72 -2.65 19.76
C ILE A 68 2.42 -1.34 20.07
N PRO A 69 3.32 -1.29 21.04
CA PRO A 69 3.88 0.01 21.46
C PRO A 69 4.96 0.52 20.51
N ASP A 70 4.54 0.85 19.29
CA ASP A 70 5.44 1.42 18.29
C ASP A 70 5.09 2.85 17.92
N GLY A 71 3.98 3.39 18.44
CA GLY A 71 3.60 4.75 18.14
C GLY A 71 3.03 4.97 16.76
N LEU A 72 2.55 3.91 16.10
CA LEU A 72 1.96 4.06 14.78
C LEU A 72 0.56 4.68 14.89
N LEU A 73 -0.34 4.03 15.62
CA LEU A 73 -1.67 4.56 15.86
C LEU A 73 -1.59 5.53 17.04
N THR A 74 -1.65 6.82 16.75
CA THR A 74 -1.45 7.82 17.80
C THR A 74 -2.46 7.63 18.94
N SER A 75 -3.74 7.52 18.61
CA SER A 75 -4.79 7.29 19.59
C SER A 75 -5.59 6.08 19.16
N SER A 76 -5.69 5.08 20.03
CA SER A 76 -6.28 3.81 19.62
C SER A 76 -6.82 3.08 20.85
N LEU A 77 -7.68 2.10 20.58
CA LEU A 77 -8.20 1.20 21.59
C LEU A 77 -8.11 -0.23 21.07
N SER A 78 -8.04 -1.18 21.99
CA SER A 78 -7.82 -2.58 21.65
C SER A 78 -8.90 -3.44 22.27
N ARG A 79 -9.19 -4.56 21.60
CA ARG A 79 -10.07 -5.58 22.15
C ARG A 79 -9.44 -6.95 21.97
N ARG A 80 -9.60 -7.80 22.99
CA ARG A 80 -9.07 -9.15 22.99
C ARG A 80 -10.22 -10.08 22.61
N LEU A 81 -10.36 -10.34 21.32
CA LEU A 81 -11.44 -11.18 20.83
C LEU A 81 -11.12 -12.64 21.14
N GLN A 82 -12.06 -13.33 21.78
CA GLN A 82 -11.85 -14.71 22.21
C GLN A 82 -13.12 -15.50 22.02
N ASN A 83 -12.96 -16.80 21.76
CA ASN A 83 -14.08 -17.71 21.64
C ASN A 83 -13.61 -19.11 22.03
N VAL A 84 -14.49 -19.86 22.69
CA VAL A 84 -14.22 -21.22 23.11
C VAL A 84 -15.36 -22.10 22.60
N VAL A 85 -15.03 -23.12 21.82
CA VAL A 85 -16.03 -23.96 21.17
C VAL A 85 -15.57 -25.42 21.23
N GLY A 86 -16.52 -26.32 21.47
CA GLY A 86 -16.24 -27.75 21.36
C GLY A 86 -16.36 -28.19 19.91
N VAL A 87 -15.35 -28.91 19.43
CA VAL A 87 -15.27 -29.34 18.05
C VAL A 87 -15.04 -30.84 18.01
N ARG A 88 -15.75 -31.52 17.11
CA ARG A 88 -15.65 -32.96 16.93
C ARG A 88 -15.53 -33.27 15.45
N ASN A 89 -14.66 -34.22 15.09
CA ASN A 89 -14.56 -34.62 13.69
C ASN A 89 -15.85 -35.29 13.25
N GLY A 90 -16.32 -34.92 12.07
CA GLY A 90 -17.63 -35.33 11.62
C GLY A 90 -17.66 -36.69 10.96
N ASN A 91 -18.86 -37.15 10.67
CA ASN A 91 -19.10 -38.39 9.94
C ASN A 91 -19.78 -37.99 8.64
N SER A 92 -18.97 -37.70 7.62
CA SER A 92 -19.54 -37.20 6.37
C SER A 92 -19.86 -38.36 5.44
N PRO A 93 -20.96 -38.29 4.68
CA PRO A 93 -21.30 -39.38 3.78
C PRO A 93 -20.51 -39.38 2.47
N SER A 94 -20.28 -38.21 1.88
CA SER A 94 -19.64 -38.12 0.57
C SER A 94 -18.32 -37.35 0.59
N VAL A 95 -18.31 -36.12 1.10
CA VAL A 95 -17.17 -35.24 0.87
C VAL A 95 -15.93 -35.76 1.58
N HIS A 96 -16.07 -36.15 2.84
CA HIS A 96 -14.97 -36.73 3.61
C HIS A 96 -15.23 -38.20 3.92
N ALA A 97 -15.89 -38.90 3.01
CA ALA A 97 -16.18 -40.32 3.21
C ALA A 97 -14.89 -41.10 3.39
N GLY A 98 -14.84 -41.93 4.42
CA GLY A 98 -13.64 -42.69 4.69
C GLY A 98 -12.45 -41.82 5.03
N SER A 99 -12.66 -40.78 5.83
CA SER A 99 -11.58 -39.89 6.25
C SER A 99 -11.80 -39.49 7.70
N ASP A 100 -10.76 -39.67 8.51
CA ASP A 100 -10.78 -39.28 9.91
C ASP A 100 -9.91 -38.05 10.16
N VAL A 101 -9.63 -37.27 9.12
CA VAL A 101 -8.74 -36.12 9.22
C VAL A 101 -9.59 -34.86 9.26
N MET A 102 -9.42 -34.07 10.31
CA MET A 102 -10.07 -32.77 10.44
C MET A 102 -9.04 -31.70 10.12
N HIS A 103 -9.36 -30.81 9.20
CA HIS A 103 -8.43 -29.82 8.70
C HIS A 103 -8.75 -28.46 9.32
N VAL A 104 -7.75 -27.86 9.96
CA VAL A 104 -7.90 -26.60 10.66
C VAL A 104 -6.96 -25.58 10.03
N VAL A 105 -7.50 -24.41 9.72
CA VAL A 105 -6.70 -23.27 9.24
C VAL A 105 -6.96 -22.11 10.19
N ILE A 106 -5.89 -21.60 10.80
CA ILE A 106 -5.97 -20.42 11.65
C ILE A 106 -5.31 -19.29 10.86
N ALA A 107 -6.11 -18.31 10.46
CA ALA A 107 -5.67 -17.25 9.56
C ALA A 107 -5.86 -15.89 10.22
N PRO A 108 -5.07 -14.91 9.83
CA PRO A 108 -5.21 -13.54 10.37
C PRO A 108 -6.33 -12.74 9.70
N THR A 109 -7.51 -13.36 9.62
CA THR A 109 -8.67 -12.71 9.04
C THR A 109 -9.46 -12.01 10.13
N LEU A 110 -10.18 -10.96 9.75
CA LEU A 110 -10.88 -10.12 10.71
C LEU A 110 -12.19 -10.76 11.13
N GLY A 111 -12.25 -11.29 12.35
CA GLY A 111 -13.48 -11.73 12.95
C GLY A 111 -13.67 -13.23 12.99
N VAL A 112 -13.25 -13.96 11.96
CA VAL A 112 -13.46 -15.40 11.88
C VAL A 112 -12.14 -16.07 11.57
N PRO A 113 -11.20 -16.10 12.51
CA PRO A 113 -9.84 -16.56 12.18
C PRO A 113 -9.73 -18.06 11.93
N VAL A 114 -10.66 -18.88 12.39
CA VAL A 114 -10.52 -20.33 12.39
C VAL A 114 -11.54 -20.94 11.43
N MET A 115 -11.07 -21.83 10.57
CA MET A 115 -11.92 -22.64 9.72
C MET A 115 -11.59 -24.11 9.94
N ILE A 116 -12.60 -24.93 10.19
CA ILE A 116 -12.44 -26.36 10.43
C ILE A 116 -13.25 -27.10 9.37
N ALA A 117 -12.59 -27.99 8.64
CA ALA A 117 -13.24 -28.84 7.66
C ALA A 117 -13.35 -30.26 8.20
N ASN A 118 -14.49 -30.90 7.92
CA ASN A 118 -14.78 -32.26 8.40
C ASN A 118 -15.03 -32.27 9.90
N SER A 119 -15.70 -31.24 10.41
CA SER A 119 -16.21 -31.24 11.77
C SER A 119 -17.67 -31.66 11.76
N ALA A 120 -18.13 -32.19 12.91
CA ALA A 120 -19.52 -32.59 13.02
C ALA A 120 -20.44 -31.39 12.81
N GLU A 121 -20.08 -30.25 13.39
CA GLU A 121 -20.85 -29.03 13.17
C GLU A 121 -20.85 -28.65 11.70
N GLY A 122 -19.71 -28.80 11.02
CA GLY A 122 -19.66 -28.50 9.61
C GLY A 122 -20.50 -29.45 8.78
N VAL A 123 -20.50 -30.74 9.13
CA VAL A 123 -21.32 -31.70 8.42
C VAL A 123 -22.81 -31.39 8.63
N LEU A 124 -23.16 -30.93 9.83
CA LEU A 124 -24.55 -30.61 10.12
C LEU A 124 -25.00 -29.34 9.40
N LYS A 125 -24.19 -28.29 9.45
CA LYS A 125 -24.62 -26.98 8.97
C LYS A 125 -24.39 -26.81 7.47
N ARG A 126 -23.38 -27.48 6.92
CA ARG A 126 -23.02 -27.37 5.50
C ARG A 126 -22.95 -28.75 4.88
N PRO A 127 -24.09 -29.42 4.72
CA PRO A 127 -24.07 -30.78 4.16
C PRO A 127 -23.55 -30.82 2.74
N GLY A 128 -22.40 -31.44 2.53
CA GLY A 128 -21.85 -31.62 1.20
C GLY A 128 -21.38 -30.35 0.53
N LEU A 129 -21.30 -29.24 1.26
CA LEU A 129 -20.93 -27.95 0.69
C LEU A 129 -19.81 -27.33 1.50
N SER A 130 -18.96 -26.57 0.81
CA SER A 130 -17.90 -25.80 1.47
C SER A 130 -17.00 -26.71 2.30
N GLN A 131 -16.78 -27.94 1.80
CA GLN A 131 -15.99 -28.95 2.49
C GLN A 131 -16.55 -29.31 3.85
N GLU A 132 -17.85 -29.07 4.06
CA GLU A 132 -18.52 -29.36 5.32
C GLU A 132 -17.74 -28.74 6.49
N SER A 133 -17.46 -27.45 6.36
CA SER A 133 -16.62 -26.76 7.32
C SER A 133 -17.45 -26.02 8.37
N SER A 134 -16.80 -25.71 9.48
CA SER A 134 -17.37 -24.86 10.50
C SER A 134 -16.36 -23.77 10.85
N PHE A 135 -16.87 -22.64 11.32
CA PHE A 135 -16.06 -21.47 11.57
C PHE A 135 -16.19 -21.04 13.02
N ILE A 136 -15.07 -20.65 13.63
CA ILE A 136 -15.06 -20.07 14.96
C ILE A 136 -14.73 -18.59 14.79
N GLY A 137 -15.67 -17.73 15.19
CA GLY A 137 -15.49 -16.30 15.09
C GLY A 137 -15.69 -15.59 16.41
N PHE A 138 -15.90 -14.28 16.37
CA PHE A 138 -16.00 -13.46 17.56
C PHE A 138 -17.29 -12.65 17.51
N PRO A 139 -18.43 -13.29 17.74
CA PRO A 139 -19.70 -12.55 17.75
C PRO A 139 -19.86 -11.70 19.00
N GLY A 140 -20.68 -10.67 18.86
CA GLY A 140 -21.00 -9.82 19.99
C GLY A 140 -19.83 -9.00 20.48
N GLN A 141 -18.80 -8.90 19.65
CA GLN A 141 -17.64 -8.08 19.94
C GLN A 141 -17.46 -7.09 18.79
N THR A 142 -16.90 -5.93 19.11
CA THR A 142 -16.96 -4.74 18.28
C THR A 142 -16.88 -5.02 16.78
N VAL A 143 -15.95 -5.87 16.36
CA VAL A 143 -15.68 -6.04 14.94
C VAL A 143 -16.85 -6.73 14.24
N GLY A 144 -16.85 -6.65 12.92
CA GLY A 144 -17.83 -7.32 12.10
C GLY A 144 -18.44 -6.38 11.06
N PHE A 145 -19.27 -6.98 10.21
CA PHE A 145 -19.97 -6.27 9.15
C PHE A 145 -21.44 -6.64 9.19
N GLU A 146 -22.23 -5.90 8.41
CA GLU A 146 -23.64 -6.20 8.21
C GLU A 146 -23.96 -6.07 6.72
N ASN A 147 -24.58 -7.08 6.16
CA ASN A 147 -24.94 -7.07 4.75
C ASN A 147 -26.27 -6.35 4.57
N LEU A 148 -26.31 -5.41 3.63
CA LEU A 148 -27.50 -4.64 3.32
C LEU A 148 -27.80 -4.72 1.83
N ILE A 149 -29.07 -4.56 1.49
CA ILE A 149 -29.44 -4.28 0.10
C ILE A 149 -29.05 -2.83 -0.19
N GLU A 150 -28.15 -2.65 -1.15
CA GLU A 150 -27.52 -1.34 -1.33
C GLU A 150 -28.55 -0.26 -1.64
N SER A 151 -29.52 -0.56 -2.51
CA SER A 151 -30.46 0.47 -2.93
C SER A 151 -31.37 0.94 -1.80
N THR A 152 -31.75 0.04 -0.89
CA THR A 152 -32.71 0.35 0.15
C THR A 152 -32.11 0.40 1.55
N GLY A 153 -30.93 -0.16 1.76
CA GLY A 153 -30.30 -0.14 3.07
C GLY A 153 -30.87 -1.12 4.07
N VAL A 154 -31.73 -2.03 3.65
CA VAL A 154 -32.35 -3.01 4.55
C VAL A 154 -31.36 -4.15 4.79
N PRO A 155 -30.99 -4.45 6.03
CA PRO A 155 -30.08 -5.58 6.26
C PRO A 155 -30.68 -6.89 5.76
N THR A 156 -29.83 -7.72 5.17
CA THR A 156 -30.30 -8.93 4.48
C THR A 156 -29.19 -9.97 4.51
N TRP A 157 -29.48 -11.15 5.04
CA TRP A 157 -28.58 -12.29 4.93
C TRP A 157 -29.41 -13.54 4.75
N PRO A 158 -29.05 -14.41 3.79
CA PRO A 158 -27.92 -14.32 2.86
C PRO A 158 -28.12 -13.23 1.81
N PRO A 159 -27.04 -12.74 1.21
CA PRO A 159 -27.19 -11.69 0.19
C PRO A 159 -28.03 -12.17 -0.97
N THR A 160 -28.84 -11.27 -1.51
CA THR A 160 -29.69 -11.54 -2.67
C THR A 160 -29.00 -11.15 -3.97
N ILE A 161 -27.78 -11.64 -4.21
CA ILE A 161 -27.08 -11.37 -5.46
C ILE A 161 -27.85 -12.03 -6.59
N PRO A 162 -27.74 -11.57 -7.83
CA PRO A 162 -26.88 -10.48 -8.34
C PRO A 162 -27.31 -9.08 -7.95
N THR A 163 -28.40 -8.90 -7.21
CA THR A 163 -28.82 -7.56 -6.81
C THR A 163 -27.72 -6.89 -6.00
N GLY A 164 -27.61 -5.57 -6.12
CA GLY A 164 -26.59 -4.82 -5.43
C GLY A 164 -26.63 -4.99 -3.93
N GLN A 165 -25.48 -5.30 -3.34
CA GLN A 165 -25.34 -5.49 -1.90
C GLN A 165 -24.30 -4.52 -1.36
N LYS A 166 -24.32 -4.33 -0.05
CA LYS A 166 -23.35 -3.48 0.62
C LYS A 166 -22.95 -4.12 1.94
N LEU A 167 -21.65 -4.36 2.12
CA LEU A 167 -21.11 -4.79 3.40
C LEU A 167 -20.85 -3.55 4.25
N GLU A 168 -21.69 -3.33 5.25
CA GLU A 168 -21.61 -2.14 6.09
C GLU A 168 -20.68 -2.41 7.26
N ASN A 169 -19.63 -1.61 7.38
CA ASN A 169 -18.66 -1.76 8.47
C ASN A 169 -19.28 -1.21 9.76
N LYS A 170 -19.50 -2.10 10.73
CA LYS A 170 -20.17 -1.74 11.97
C LYS A 170 -19.21 -1.55 13.14
N GLY A 171 -17.91 -1.68 12.93
CA GLY A 171 -16.96 -1.60 14.03
C GLY A 171 -16.68 -0.20 14.53
N GLY A 172 -17.01 0.82 13.74
CA GLY A 172 -16.63 2.16 14.11
C GLY A 172 -15.17 2.47 13.89
N PHE A 173 -14.46 1.65 13.13
CA PHE A 173 -13.06 1.83 12.84
C PHE A 173 -12.81 1.37 11.40
N VAL A 174 -11.71 1.85 10.83
CA VAL A 174 -11.32 1.45 9.48
C VAL A 174 -9.89 0.92 9.48
N LEU A 175 -9.08 1.36 10.43
CA LEU A 175 -7.70 0.90 10.57
C LEU A 175 -7.63 -0.12 11.70
N TRP A 176 -7.06 -1.29 11.40
CA TRP A 176 -6.93 -2.35 12.39
C TRP A 176 -5.67 -3.15 12.11
N ARG A 177 -5.16 -3.79 13.16
CA ARG A 177 -4.03 -4.70 13.03
C ARG A 177 -4.10 -5.72 14.16
N ILE A 178 -3.41 -6.84 13.97
CA ILE A 178 -3.42 -7.93 14.94
C ILE A 178 -2.18 -7.81 15.82
N ILE A 179 -2.40 -7.66 17.13
CA ILE A 179 -1.30 -7.65 18.07
C ILE A 179 -0.69 -9.05 18.20
N SER A 180 -1.54 -10.05 18.34
CA SER A 180 -1.12 -11.44 18.45
C SER A 180 -2.34 -12.31 18.33
N GLN A 181 -2.16 -13.51 17.79
CA GLN A 181 -3.25 -14.44 17.53
C GLN A 181 -2.80 -15.83 17.91
N GLY A 182 -3.59 -16.50 18.75
CA GLY A 182 -3.24 -17.82 19.22
C GLY A 182 -4.42 -18.76 19.16
N LEU A 183 -4.10 -20.05 19.11
CA LEU A 183 -5.10 -21.12 19.14
C LEU A 183 -4.64 -22.19 20.10
N ARG A 184 -5.56 -22.69 20.92
CA ARG A 184 -5.30 -23.79 21.85
C ARG A 184 -6.31 -24.89 21.60
N ILE A 185 -5.82 -26.12 21.40
CA ILE A 185 -6.66 -27.28 21.18
C ILE A 185 -6.39 -28.28 22.30
N ASP A 186 -7.45 -28.75 22.93
CA ASP A 186 -7.36 -29.77 23.97
C ASP A 186 -8.26 -30.94 23.59
N LEU A 187 -7.72 -32.14 23.71
CA LEU A 187 -8.50 -33.34 23.45
C LEU A 187 -9.38 -33.63 24.65
N ALA A 188 -10.70 -33.56 24.46
CA ALA A 188 -11.66 -33.69 25.55
C ALA A 188 -12.27 -35.08 25.65
N ASN A 189 -11.73 -36.06 24.94
CA ASN A 189 -12.19 -37.42 25.06
C ASN A 189 -11.70 -38.03 26.37
N SER A 190 -12.34 -39.12 26.77
CA SER A 190 -11.88 -39.87 27.94
C SER A 190 -10.60 -40.64 27.60
N ASP A 191 -9.96 -41.18 28.63
CA ASP A 191 -8.67 -41.82 28.46
C ASP A 191 -8.75 -43.09 27.63
N GLU A 192 -9.92 -43.66 27.44
CA GLU A 192 -10.08 -44.83 26.59
C GLU A 192 -10.45 -44.47 25.15
N GLU A 193 -10.49 -43.18 24.81
CA GLU A 193 -10.79 -42.75 23.45
C GLU A 193 -9.85 -41.65 22.98
N ASN A 194 -8.66 -41.53 23.58
CA ASN A 194 -7.75 -40.43 23.29
C ASN A 194 -6.72 -40.78 22.21
N ASP A 195 -7.06 -41.67 21.28
CA ASP A 195 -6.14 -42.06 20.22
C ASP A 195 -6.14 -41.03 19.09
N GLY A 196 -5.02 -40.99 18.37
CA GLY A 196 -4.87 -40.14 17.21
C GLY A 196 -3.59 -39.33 17.26
N TRP A 197 -3.34 -38.59 16.19
CA TRP A 197 -2.17 -37.74 16.10
C TRP A 197 -2.50 -36.53 15.25
N PHE A 198 -1.56 -35.58 15.19
CA PHE A 198 -1.77 -34.34 14.47
C PHE A 198 -0.45 -33.89 13.87
N GLU A 199 -0.55 -33.06 12.84
CA GLU A 199 0.59 -32.43 12.20
C GLU A 199 0.24 -30.99 11.89
N ALA A 200 1.24 -30.10 11.95
CA ALA A 200 0.99 -28.69 11.78
C ALA A 200 2.21 -28.01 11.17
N CYS A 201 1.97 -26.93 10.45
CA CYS A 201 3.03 -26.10 9.90
C CYS A 201 2.49 -24.70 9.65
N ARG A 202 3.36 -23.70 9.83
CA ARG A 202 3.07 -22.34 9.41
C ARG A 202 3.61 -22.11 8.01
N PHE A 203 3.03 -21.14 7.30
CA PHE A 203 3.42 -20.92 5.92
C PHE A 203 3.15 -19.48 5.50
N ASN A 204 3.77 -19.10 4.39
CA ASN A 204 3.53 -17.81 3.75
C ASN A 204 2.37 -17.95 2.80
N TRP A 205 1.28 -17.23 3.07
CA TRP A 205 0.08 -17.33 2.26
C TRP A 205 0.30 -16.73 0.87
N ARG A 206 -0.33 -17.34 -0.14
CA ARG A 206 -0.17 -16.92 -1.52
C ARG A 206 -0.98 -15.67 -1.86
N ASN A 207 -1.78 -15.16 -0.94
CA ASN A 207 -2.54 -13.92 -1.13
C ASN A 207 -3.47 -14.00 -2.34
N VAL A 208 -4.14 -15.13 -2.49
CA VAL A 208 -5.14 -15.29 -3.54
C VAL A 208 -6.48 -14.83 -3.00
N PRO A 209 -7.18 -13.90 -3.67
CA PRO A 209 -8.43 -13.38 -3.08
C PRO A 209 -9.46 -14.44 -2.74
N ARG A 210 -9.58 -15.50 -3.55
CA ARG A 210 -10.59 -16.51 -3.30
C ARG A 210 -10.24 -17.44 -2.14
N ASP A 211 -9.07 -17.27 -1.51
CA ASP A 211 -8.73 -18.05 -0.33
C ASP A 211 -9.40 -17.52 0.93
N VAL A 212 -10.00 -16.35 0.89
CA VAL A 212 -10.75 -15.81 2.03
C VAL A 212 -12.21 -15.70 1.64
N CYS A 213 -13.07 -15.61 2.64
CA CYS A 213 -14.50 -15.58 2.46
C CYS A 213 -15.14 -14.78 3.59
N MET A 214 -16.45 -14.59 3.49
CA MET A 214 -17.23 -13.93 4.52
C MET A 214 -18.34 -14.84 4.99
N THR A 215 -18.48 -14.96 6.30
CA THR A 215 -19.42 -15.87 6.94
C THR A 215 -19.84 -15.25 8.27
N PRO A 216 -21.01 -15.61 8.79
CA PRO A 216 -21.44 -15.01 10.06
C PRO A 216 -20.45 -15.24 11.19
N LEU A 217 -20.31 -14.23 12.06
CA LEU A 217 -19.33 -14.29 13.13
C LEU A 217 -19.60 -15.42 14.11
N ASP A 218 -20.87 -15.76 14.32
CA ASP A 218 -21.24 -16.72 15.36
C ASP A 218 -21.19 -18.17 14.88
N GLY A 219 -20.77 -18.41 13.63
CA GLY A 219 -20.63 -19.75 13.12
C GLY A 219 -21.87 -20.31 12.47
N SER A 220 -23.00 -19.62 12.59
CA SER A 220 -24.21 -20.06 11.90
C SER A 220 -24.13 -19.70 10.42
N THR A 221 -25.16 -20.12 9.68
CA THR A 221 -25.30 -19.76 8.29
C THR A 221 -26.32 -18.67 8.05
N THR A 222 -26.89 -18.09 9.10
CA THR A 222 -28.06 -17.24 8.97
C THR A 222 -27.97 -15.88 9.67
N THR A 223 -27.14 -15.74 10.68
CA THR A 223 -27.08 -14.48 11.42
C THR A 223 -26.38 -13.42 10.57
N ASN A 224 -26.93 -12.20 10.57
CA ASN A 224 -26.39 -11.11 9.76
C ASN A 224 -25.43 -10.25 10.58
N SER A 225 -24.39 -10.91 11.08
CA SER A 225 -23.25 -10.23 11.71
C SER A 225 -22.02 -10.95 11.18
N ILE A 226 -21.39 -10.35 10.16
CA ILE A 226 -20.50 -11.06 9.25
C ILE A 226 -19.06 -10.77 9.60
N GLY A 227 -18.20 -11.78 9.38
CA GLY A 227 -16.77 -11.62 9.51
C GLY A 227 -16.05 -12.22 8.32
N ILE A 228 -14.73 -12.12 8.35
CA ILE A 228 -13.86 -12.62 7.29
C ILE A 228 -13.16 -13.87 7.79
N ALA A 229 -13.25 -14.94 7.00
CA ALA A 229 -12.75 -16.25 7.37
C ALA A 229 -11.86 -16.80 6.27
N PRO A 230 -10.96 -17.72 6.60
CA PRO A 230 -10.22 -18.42 5.55
C PRO A 230 -11.15 -19.36 4.78
N ASN A 231 -11.11 -19.25 3.46
CA ASN A 231 -12.03 -20.00 2.63
C ASN A 231 -11.64 -21.48 2.64
N PRO A 232 -12.61 -22.40 2.75
CA PRO A 232 -12.28 -23.82 2.55
C PRO A 232 -11.74 -24.13 1.16
N LEU A 233 -11.97 -23.26 0.18
CA LEU A 233 -11.42 -23.50 -1.16
C LEU A 233 -9.90 -23.60 -1.12
N TRP A 234 -9.27 -22.94 -0.14
CA TRP A 234 -7.82 -23.04 -0.02
C TRP A 234 -7.39 -24.48 0.24
N LEU A 235 -8.21 -25.25 0.95
CA LEU A 235 -7.83 -26.63 1.28
C LEU A 235 -7.70 -27.47 0.01
N GLU A 236 -8.65 -27.36 -0.90
CA GLU A 236 -8.64 -28.21 -2.08
C GLU A 236 -7.75 -27.68 -3.20
N GLU A 237 -7.21 -26.48 -3.06
CA GLU A 237 -6.25 -25.96 -4.03
C GLU A 237 -4.83 -25.97 -3.48
N VAL A 238 -4.67 -25.83 -2.18
CA VAL A 238 -3.34 -25.83 -1.57
C VAL A 238 -3.29 -26.86 -0.45
N GLY A 239 -4.24 -26.78 0.49
CA GLY A 239 -4.09 -27.48 1.75
C GLY A 239 -4.03 -29.00 1.62
N TYR A 240 -4.96 -29.64 0.94
CA TYR A 240 -5.07 -31.10 0.90
C TYR A 240 -3.81 -31.66 0.26
N GLY A 241 -3.30 -31.06 -0.82
CA GLY A 241 -2.12 -31.57 -1.47
C GLY A 241 -0.80 -31.08 -0.91
N MET A 242 -0.83 -30.21 0.09
CA MET A 242 0.42 -29.66 0.62
C MET A 242 1.30 -30.75 1.19
N ALA A 243 2.61 -30.66 0.91
CA ALA A 243 3.60 -31.51 1.55
C ALA A 243 4.00 -30.84 2.86
N MET A 244 3.25 -31.15 3.91
CA MET A 244 3.40 -30.45 5.18
C MET A 244 4.79 -30.69 5.78
N VAL A 245 5.30 -31.91 5.68
CA VAL A 245 6.57 -32.26 6.31
C VAL A 245 7.72 -31.42 5.79
N GLU A 246 7.61 -30.89 4.57
CA GLU A 246 8.71 -30.13 4.00
C GLU A 246 8.73 -28.66 4.41
N GLN A 247 7.68 -28.18 5.08
CA GLN A 247 7.59 -26.75 5.48
C GLN A 247 8.50 -26.56 6.70
N PRO A 248 9.39 -25.55 6.76
CA PRO A 248 10.19 -25.32 7.97
C PRO A 248 9.31 -25.07 9.18
N GLY A 249 9.74 -25.60 10.32
CA GLY A 249 8.98 -25.51 11.56
C GLY A 249 7.90 -26.56 11.71
N TYR A 250 7.74 -27.44 10.74
CA TYR A 250 6.72 -28.49 10.84
C TYR A 250 6.96 -29.35 12.08
N LYS A 251 5.87 -29.67 12.78
CA LYS A 251 5.93 -30.53 13.95
C LYS A 251 4.72 -31.45 13.94
N SER A 252 4.84 -32.57 14.66
CA SER A 252 3.75 -33.51 14.81
C SER A 252 3.75 -34.05 16.23
N GLY A 253 2.63 -34.64 16.61
CA GLY A 253 2.51 -35.20 17.94
C GLY A 253 1.26 -36.03 18.07
N LEU A 254 1.00 -36.47 19.29
CA LEU A 254 -0.19 -37.23 19.61
C LEU A 254 -1.33 -36.30 20.02
N LEU A 255 -2.56 -36.71 19.72
CA LEU A 255 -3.71 -35.91 20.10
C LEU A 255 -3.84 -35.80 21.61
N LYS A 256 -3.49 -36.85 22.34
CA LYS A 256 -3.53 -36.80 23.79
C LYS A 256 -2.52 -35.82 24.38
N ASP A 257 -1.56 -35.35 23.59
CA ASP A 257 -0.60 -34.35 24.03
C ASP A 257 -0.83 -32.98 23.39
N ILE A 258 -1.80 -32.85 22.49
CA ILE A 258 -2.04 -31.56 21.85
C ILE A 258 -2.42 -30.50 22.87
N LYS A 259 -2.98 -30.91 24.01
CA LYS A 259 -3.34 -29.94 25.05
C LYS A 259 -2.13 -29.20 25.60
N LYS A 260 -0.92 -29.74 25.40
CA LYS A 260 0.29 -29.06 25.81
C LYS A 260 0.82 -28.10 24.76
N ALA A 261 0.29 -28.14 23.55
CA ALA A 261 0.75 -27.29 22.46
C ALA A 261 -0.05 -25.99 22.42
N GLU A 262 0.56 -24.98 21.81
CA GLU A 262 -0.10 -23.69 21.63
C GLU A 262 0.38 -23.11 20.30
N PHE A 263 -0.56 -22.85 19.40
CA PHE A 263 -0.27 -22.35 18.05
C PHE A 263 -0.53 -20.86 18.01
N MET A 264 0.45 -20.09 17.55
CA MET A 264 0.30 -18.65 17.41
C MET A 264 0.94 -18.20 16.11
N LEU A 265 0.30 -17.22 15.46
CA LEU A 265 0.86 -16.65 14.25
C LEU A 265 1.99 -15.69 14.58
N HIS A 266 2.91 -15.52 13.63
CA HIS A 266 4.08 -14.70 13.83
C HIS A 266 3.98 -13.42 13.01
N PRO A 267 4.26 -12.26 13.59
CA PRO A 267 4.33 -11.03 12.79
C PRO A 267 5.73 -10.82 12.21
N ARG A 268 5.85 -9.78 11.40
CA ARG A 268 7.15 -9.35 10.93
C ARG A 268 7.92 -8.66 12.05
N THR A 269 9.25 -8.62 11.89
CA THR A 269 10.07 -7.84 12.81
C THR A 269 9.96 -6.35 12.53
N THR A 270 9.65 -5.99 11.29
CA THR A 270 9.54 -4.59 10.91
C THR A 270 8.20 -4.02 11.37
N THR A 271 8.01 -2.73 11.11
CA THR A 271 6.80 -2.04 11.55
C THR A 271 5.55 -2.75 11.06
N HIS A 272 4.59 -2.92 11.96
CA HIS A 272 3.34 -3.64 11.68
C HIS A 272 2.31 -2.64 11.18
N ASP A 273 2.19 -2.54 9.86
CA ASP A 273 1.29 -1.56 9.26
C ASP A 273 -0.16 -1.96 9.48
N PRO A 274 -1.06 -1.02 9.72
CA PRO A 274 -2.47 -1.36 9.90
C PRO A 274 -3.13 -1.71 8.57
N THR A 275 -4.24 -2.43 8.68
CA THR A 275 -5.09 -2.74 7.54
C THR A 275 -6.24 -1.75 7.49
N LEU A 276 -6.51 -1.21 6.31
CA LEU A 276 -7.56 -0.23 6.11
C LEU A 276 -8.81 -0.91 5.55
N ILE A 277 -9.93 -0.75 6.24
CA ILE A 277 -11.21 -1.27 5.77
C ILE A 277 -11.81 -0.24 4.81
N ASP A 278 -11.97 -0.63 3.56
CA ASP A 278 -12.54 0.28 2.57
C ASP A 278 -14.03 0.01 2.38
N PRO A 279 -14.77 0.98 1.85
CA PRO A 279 -16.17 0.71 1.51
C PRO A 279 -16.27 -0.41 0.50
N PHE A 280 -17.30 -1.24 0.64
CA PHE A 280 -17.43 -2.45 -0.17
C PHE A 280 -18.87 -2.66 -0.57
N GLU A 281 -19.11 -2.66 -1.88
CA GLU A 281 -20.41 -2.99 -2.46
C GLU A 281 -20.18 -3.97 -3.59
N TYR A 282 -21.10 -4.91 -3.77
CA TYR A 282 -20.89 -6.00 -4.71
C TYR A 282 -22.21 -6.46 -5.29
N GLY A 283 -22.16 -6.89 -6.54
CA GLY A 283 -23.26 -7.58 -7.19
C GLY A 283 -22.88 -9.01 -7.49
N GLY A 284 -22.51 -9.27 -8.75
CA GLY A 284 -21.98 -10.56 -9.14
C GLY A 284 -20.50 -10.73 -8.95
N SER A 285 -19.81 -9.74 -8.37
CA SER A 285 -18.38 -9.88 -8.11
C SER A 285 -18.09 -10.78 -6.91
N MET A 286 -19.12 -11.17 -6.16
CA MET A 286 -19.00 -12.14 -5.09
C MET A 286 -19.95 -13.30 -5.39
N THR A 287 -19.65 -14.47 -4.84
CA THR A 287 -20.40 -15.67 -5.16
C THR A 287 -20.32 -16.65 -4.00
N SER A 288 -21.15 -17.69 -4.09
CA SER A 288 -21.09 -18.81 -3.17
C SER A 288 -21.31 -20.11 -3.94
N SER A 289 -21.43 -21.23 -3.24
CA SER A 289 -21.74 -22.48 -3.91
C SER A 289 -23.20 -22.54 -4.35
N GLY A 290 -24.02 -21.59 -3.92
CA GLY A 290 -25.44 -21.60 -4.22
C GLY A 290 -26.29 -22.39 -3.24
N GLY A 291 -25.67 -23.07 -2.28
CA GLY A 291 -26.39 -23.86 -1.31
C GLY A 291 -26.67 -23.11 -0.03
N ILE A 292 -27.16 -23.86 0.97
CA ILE A 292 -27.59 -23.28 2.24
C ILE A 292 -26.40 -23.02 3.15
N ASP A 293 -25.18 -23.27 2.65
CA ASP A 293 -24.00 -23.01 3.45
C ASP A 293 -23.74 -21.52 3.64
N ASN A 294 -24.11 -20.71 2.65
CA ASN A 294 -24.01 -19.25 2.74
C ASN A 294 -22.58 -18.81 3.06
N VAL A 295 -21.61 -19.40 2.37
CA VAL A 295 -20.22 -18.96 2.44
C VAL A 295 -19.94 -18.23 1.15
N TYR A 296 -19.62 -16.94 1.24
CA TYR A 296 -19.48 -16.09 0.08
C TYR A 296 -18.05 -15.60 -0.07
N TYR A 297 -17.57 -15.59 -1.31
CA TYR A 297 -16.20 -15.25 -1.63
C TYR A 297 -16.17 -14.60 -3.01
N PRO A 298 -15.08 -13.95 -3.38
CA PRO A 298 -15.02 -13.30 -4.69
C PRO A 298 -15.26 -14.28 -5.84
N SER A 299 -16.00 -13.83 -6.85
CA SER A 299 -16.30 -14.67 -8.00
C SER A 299 -15.04 -15.00 -8.80
N ASP A 300 -14.03 -14.16 -8.74
CA ASP A 300 -12.76 -14.40 -9.42
C ASP A 300 -11.65 -13.72 -8.63
N ASN A 301 -10.43 -13.86 -9.10
CA ASN A 301 -9.27 -13.31 -8.41
C ASN A 301 -8.75 -12.02 -9.02
N VAL A 302 -9.34 -11.55 -10.13
CA VAL A 302 -8.76 -10.44 -10.88
C VAL A 302 -9.61 -9.17 -10.82
N SER A 303 -10.85 -9.24 -10.34
CA SER A 303 -11.66 -8.04 -10.24
C SER A 303 -11.09 -7.10 -9.17
N GLY A 304 -11.42 -5.82 -9.31
CA GLY A 304 -11.02 -4.86 -8.28
C GLY A 304 -11.65 -5.19 -6.94
N ASN A 305 -12.89 -5.66 -6.95
CA ASN A 305 -13.56 -6.02 -5.71
C ASN A 305 -12.84 -7.18 -5.03
N ALA A 306 -12.36 -8.15 -5.80
CA ALA A 306 -11.67 -9.30 -5.21
C ALA A 306 -10.42 -8.84 -4.45
N VAL A 307 -9.62 -7.99 -5.08
CA VAL A 307 -8.39 -7.52 -4.43
C VAL A 307 -8.72 -6.65 -3.23
N ARG A 308 -9.74 -5.79 -3.36
CA ARG A 308 -10.13 -4.96 -2.22
C ARG A 308 -10.57 -5.81 -1.05
N PHE A 309 -11.40 -6.83 -1.32
CA PHE A 309 -11.86 -7.75 -0.28
C PHE A 309 -10.67 -8.42 0.40
N ARG A 310 -9.75 -8.95 -0.40
CA ARG A 310 -8.59 -9.64 0.16
C ARG A 310 -7.78 -8.69 1.04
N ASP A 311 -7.52 -7.48 0.57
CA ASP A 311 -6.66 -6.57 1.31
C ASP A 311 -7.31 -6.11 2.60
N MET A 312 -8.60 -5.78 2.55
CA MET A 312 -9.26 -5.23 3.73
C MET A 312 -9.61 -6.29 4.76
N GLY A 313 -9.80 -7.54 4.34
CA GLY A 313 -10.19 -8.57 5.27
C GLY A 313 -9.08 -9.32 5.96
N VAL A 314 -7.83 -9.12 5.56
CA VAL A 314 -6.70 -9.92 6.02
C VAL A 314 -5.59 -8.98 6.49
N ASP A 315 -5.03 -9.27 7.66
CA ASP A 315 -3.80 -8.63 8.11
C ASP A 315 -2.64 -9.38 7.47
N GLN A 316 -2.05 -8.79 6.43
CA GLN A 316 -1.06 -9.48 5.62
C GLN A 316 0.35 -9.40 6.19
N ASN A 317 0.52 -8.82 7.38
CA ASN A 317 1.80 -8.88 8.07
C ASN A 317 2.00 -10.20 8.81
N MET A 318 0.95 -10.97 9.01
CA MET A 318 1.02 -12.23 9.75
C MET A 318 1.10 -13.41 8.79
N ASP A 319 1.60 -14.53 9.32
CA ASP A 319 1.63 -15.78 8.58
C ASP A 319 0.42 -16.63 8.94
N TRP A 320 0.26 -17.73 8.23
CA TRP A 320 -0.86 -18.65 8.41
C TRP A 320 -0.38 -19.98 8.97
N ILE A 321 -1.27 -20.71 9.62
CA ILE A 321 -0.97 -22.02 10.18
C ILE A 321 -2.03 -23.00 9.71
N TYR A 322 -1.59 -24.20 9.33
CA TYR A 322 -2.45 -25.27 8.85
C TYR A 322 -2.22 -26.49 9.72
N ILE A 323 -3.29 -27.03 10.30
CA ILE A 323 -3.22 -28.16 11.22
C ILE A 323 -4.08 -29.29 10.66
N ARG A 324 -3.55 -30.51 10.68
CA ARG A 324 -4.31 -31.71 10.36
C ARG A 324 -4.45 -32.53 11.63
N LEU A 325 -5.68 -32.83 12.00
CA LEU A 325 -5.97 -33.67 13.16
C LEU A 325 -6.42 -35.03 12.64
N HIS A 326 -5.55 -36.03 12.78
CA HIS A 326 -5.89 -37.41 12.41
C HIS A 326 -6.61 -38.04 13.59
N CYS A 327 -7.93 -37.91 13.59
CA CYS A 327 -8.73 -38.14 14.78
C CYS A 327 -9.19 -39.59 14.87
N ARG A 328 -9.75 -39.92 16.02
CA ARG A 328 -10.44 -41.19 16.18
C ARG A 328 -11.57 -41.27 15.15
N PRO A 329 -11.80 -42.44 14.55
CA PRO A 329 -12.83 -42.52 13.52
C PRO A 329 -14.21 -42.17 14.07
N ASN A 330 -15.05 -41.65 13.19
CA ASN A 330 -16.43 -41.29 13.52
C ASN A 330 -17.36 -41.88 12.48
N ASN A 331 -18.07 -42.95 12.84
CA ASN A 331 -19.03 -43.59 11.95
C ASN A 331 -20.44 -43.60 12.51
N GLY A 332 -20.64 -43.13 13.74
CA GLY A 332 -21.97 -43.01 14.31
C GLY A 332 -22.56 -44.29 14.87
N THR A 333 -21.83 -45.39 14.83
CA THR A 333 -22.32 -46.67 15.33
C THR A 333 -21.41 -47.30 16.37
N SER A 334 -20.10 -47.22 16.19
CA SER A 334 -19.13 -47.78 17.14
C SER A 334 -18.03 -46.82 17.51
N SER A 335 -17.68 -45.86 16.66
CA SER A 335 -16.68 -44.84 16.97
C SER A 335 -17.33 -43.48 16.75
N LEU A 336 -17.20 -42.60 17.73
CA LEU A 336 -17.86 -41.30 17.71
C LEU A 336 -16.87 -40.14 17.62
N GLY A 337 -15.68 -40.40 17.08
CA GLY A 337 -14.75 -39.35 16.80
C GLY A 337 -14.04 -38.82 18.04
N SER A 338 -13.25 -37.78 17.81
CA SER A 338 -12.50 -37.10 18.86
C SER A 338 -13.15 -35.75 19.11
N ASN A 339 -13.54 -35.50 20.35
CA ASN A 339 -14.09 -34.22 20.75
C ASN A 339 -12.97 -33.33 21.28
N PHE A 340 -12.92 -32.10 20.81
CA PHE A 340 -11.87 -31.16 21.15
C PHE A 340 -12.45 -29.92 21.83
N LEU A 341 -11.57 -29.17 22.48
CA LEU A 341 -11.89 -27.86 23.03
C LEU A 341 -11.00 -26.85 22.30
N PHE A 342 -11.62 -26.02 21.47
CA PHE A 342 -10.91 -24.99 20.73
C PHE A 342 -11.00 -23.66 21.47
N ASN A 343 -9.85 -23.02 21.68
CA ASN A 343 -9.77 -21.73 22.35
C ASN A 343 -8.90 -20.83 21.50
N VAL A 344 -9.53 -19.87 20.81
CA VAL A 344 -8.86 -18.98 19.88
C VAL A 344 -8.99 -17.56 20.40
N ILE A 345 -7.87 -16.83 20.41
CA ILE A 345 -7.83 -15.44 20.83
C ILE A 345 -7.15 -14.62 19.75
N GLN A 346 -7.79 -13.53 19.29
CA GLN A 346 -7.20 -12.58 18.31
C GLN A 346 -7.15 -11.19 18.96
N ASN A 347 -5.98 -10.73 19.37
CA ASN A 347 -5.79 -9.42 19.99
C ASN A 347 -5.61 -8.38 18.90
N VAL A 348 -6.52 -7.40 18.85
CA VAL A 348 -6.62 -6.46 17.75
C VAL A 348 -6.55 -5.04 18.30
N GLU A 349 -5.77 -4.19 17.62
CA GLU A 349 -5.71 -2.77 17.90
C GLU A 349 -6.37 -2.01 16.77
N VAL A 350 -7.27 -1.09 17.11
CA VAL A 350 -7.99 -0.31 16.11
C VAL A 350 -7.94 1.16 16.48
N ALA A 351 -8.13 2.02 15.47
CA ALA A 351 -8.26 3.45 15.67
C ALA A 351 -9.72 3.81 15.39
N PHE A 352 -10.47 4.11 16.44
CA PHE A 352 -11.90 4.38 16.31
C PHE A 352 -12.13 5.76 15.69
N ASN A 353 -13.14 5.85 14.84
CA ASN A 353 -13.50 7.10 14.21
C ASN A 353 -14.37 7.92 15.16
N PRO A 354 -14.42 9.25 14.98
CA PRO A 354 -15.12 10.08 15.96
C PRO A 354 -16.61 9.80 16.08
N SER A 355 -17.22 9.15 15.08
CA SER A 355 -18.63 8.80 15.21
C SER A 355 -18.87 7.67 16.21
N SER A 356 -17.85 6.88 16.51
CA SER A 356 -18.01 5.74 17.42
C SER A 356 -18.10 6.22 18.87
N ASP A 357 -18.91 5.52 19.66
CA ASP A 357 -18.97 5.80 21.09
C ASP A 357 -17.68 5.41 21.79
N PHE A 358 -16.90 4.49 21.19
CA PHE A 358 -15.64 4.06 21.79
C PHE A 358 -14.52 5.08 21.63
N ALA A 359 -14.70 6.12 20.82
CA ALA A 359 -13.64 7.10 20.61
C ALA A 359 -13.24 7.81 21.89
N ALA A 360 -14.14 7.89 22.88
CA ALA A 360 -13.80 8.54 24.14
C ALA A 360 -12.82 7.71 24.95
N PHE A 361 -12.85 6.39 24.81
CA PHE A 361 -12.01 5.51 25.60
C PHE A 361 -10.61 5.31 25.04
N GLN A 362 -10.32 5.87 23.86
CA GLN A 362 -9.01 5.64 23.25
C GLN A 362 -7.90 6.21 24.11
N THR A 363 -6.76 5.53 24.11
CA THR A 363 -5.58 5.95 24.86
C THR A 363 -4.42 6.16 23.90
N ILE A 364 -3.40 6.85 24.38
CA ILE A 364 -2.24 7.18 23.56
C ILE A 364 -1.36 5.95 23.42
N ASN A 365 -0.85 5.74 22.21
CA ASN A 365 0.09 4.66 21.91
C ASN A 365 1.50 5.23 21.96
N LYS A 366 2.25 4.89 22.99
CA LYS A 366 3.62 5.37 23.16
C LYS A 366 4.60 4.32 22.64
N ALA A 367 5.55 4.76 21.81
CA ALA A 367 6.54 3.85 21.26
C ALA A 367 7.49 3.36 22.35
N ASP A 368 7.85 2.08 22.26
CA ASP A 368 8.80 1.47 23.18
C ASP A 368 10.03 1.02 22.43
N THR A 369 11.17 1.00 23.12
CA THR A 369 12.43 0.64 22.49
C THR A 369 12.61 -0.86 22.31
N LYS A 370 11.85 -1.69 23.03
CA LYS A 370 12.02 -3.14 22.97
C LYS A 370 11.08 -3.81 21.96
N THR A 371 10.19 -3.06 21.31
CA THR A 371 9.19 -3.67 20.45
C THR A 371 9.83 -4.50 19.34
N LYS A 372 10.81 -3.91 18.65
CA LYS A 372 11.40 -4.60 17.51
C LYS A 372 12.10 -5.88 17.92
N MET A 373 12.85 -5.85 19.02
CA MET A 373 13.55 -7.06 19.44
C MET A 373 12.58 -8.08 20.02
N VAL A 374 11.49 -7.63 20.65
CA VAL A 374 10.44 -8.55 21.07
C VAL A 374 9.91 -9.32 19.87
N ALA A 375 9.55 -8.60 18.81
CA ALA A 375 9.01 -9.25 17.61
C ALA A 375 10.04 -10.17 16.98
N ASP A 376 11.30 -9.74 16.88
CA ASP A 376 12.32 -10.57 16.26
C ASP A 376 12.55 -11.85 17.05
N GLY A 377 12.66 -11.74 18.38
CA GLY A 377 12.77 -12.93 19.20
C GLY A 377 11.57 -13.84 19.04
N LEU A 378 10.38 -13.27 18.85
CA LEU A 378 9.19 -14.09 18.66
C LEU A 378 9.26 -14.87 17.35
N ASN A 379 9.58 -14.21 16.24
CA ASN A 379 9.48 -14.82 14.93
C ASN A 379 10.78 -15.48 14.46
N ASN A 380 11.80 -15.54 15.32
CA ASN A 380 13.04 -16.20 14.93
C ASN A 380 12.97 -17.72 15.08
N ASN A 381 11.91 -18.25 15.68
CA ASN A 381 11.71 -19.69 15.78
C ASN A 381 10.56 -20.09 14.87
N PRO A 382 10.79 -20.89 13.83
CA PRO A 382 9.69 -21.26 12.93
C PRO A 382 8.78 -22.37 13.46
N ASP A 383 9.02 -22.88 14.65
CA ASP A 383 8.21 -23.98 15.19
C ASP A 383 6.74 -23.63 15.14
N VAL A 384 5.94 -24.58 14.65
CA VAL A 384 4.51 -24.32 14.46
C VAL A 384 3.82 -24.15 15.82
N PHE A 385 4.24 -24.92 16.82
CA PHE A 385 3.68 -24.78 18.15
C PHE A 385 4.77 -24.87 19.20
N ASN A 386 4.48 -24.29 20.36
CA ASN A 386 5.36 -24.32 21.52
C ASN A 386 4.56 -24.80 22.72
N GLY A 387 5.26 -25.15 23.79
CA GLY A 387 4.58 -25.54 25.01
C GLY A 387 3.82 -24.39 25.64
N ARG A 388 2.71 -24.72 26.29
CA ARG A 388 1.89 -23.71 26.94
C ARG A 388 2.58 -23.14 28.16
N GLY B 47 27.91 -12.64 10.89
CA GLY B 47 26.74 -13.29 10.34
C GLY B 47 26.07 -12.48 9.25
N ALA B 48 25.65 -11.27 9.59
CA ALA B 48 25.00 -10.38 8.64
C ALA B 48 25.99 -9.59 7.80
N ALA B 49 27.29 -9.74 8.05
CA ALA B 49 28.28 -8.99 7.29
C ALA B 49 28.20 -9.32 5.80
N LYS B 50 28.01 -10.60 5.48
CA LYS B 50 27.87 -10.99 4.07
C LYS B 50 26.65 -10.34 3.44
N HIS B 51 25.54 -10.29 4.18
CA HIS B 51 24.34 -9.64 3.66
C HIS B 51 24.58 -8.17 3.39
N HIS B 52 25.24 -7.47 4.32
CA HIS B 52 25.55 -6.07 4.10
C HIS B 52 26.48 -5.88 2.91
N ALA B 53 27.45 -6.79 2.75
CA ALA B 53 28.36 -6.71 1.63
C ALA B 53 27.63 -6.82 0.31
N VAL B 54 26.70 -7.77 0.20
CA VAL B 54 25.91 -7.88 -1.03
C VAL B 54 25.03 -6.64 -1.19
N ARG B 55 24.53 -6.10 -0.08
CA ARG B 55 23.70 -4.90 -0.15
C ARG B 55 24.46 -3.74 -0.80
N VAL B 56 25.71 -3.53 -0.39
CA VAL B 56 26.48 -2.41 -0.93
C VAL B 56 27.22 -2.77 -2.21
N LYS B 57 27.52 -4.04 -2.44
CA LYS B 57 28.22 -4.50 -3.65
C LYS B 57 27.41 -5.61 -4.28
N PRO B 58 26.60 -5.31 -5.30
CA PRO B 58 25.75 -6.36 -5.89
C PRO B 58 26.51 -7.54 -6.44
N PHE B 59 27.75 -7.34 -6.90
CA PHE B 59 28.55 -8.40 -7.49
C PHE B 59 29.45 -9.09 -6.48
N SER B 60 29.33 -8.74 -5.19
CA SER B 60 30.18 -9.34 -4.17
C SER B 60 29.97 -10.85 -4.09
N ASN B 61 31.04 -11.57 -3.76
CA ASN B 61 31.00 -13.03 -3.62
C ASN B 61 30.77 -13.47 -2.18
N ALA B 62 30.19 -12.62 -1.33
CA ALA B 62 30.09 -12.92 0.09
C ALA B 62 29.21 -14.14 0.35
N THR B 63 28.07 -14.23 -0.33
CA THR B 63 27.13 -15.30 -0.09
C THR B 63 26.26 -15.53 -1.33
N THR B 64 25.92 -16.79 -1.57
CA THR B 64 25.00 -17.13 -2.65
C THR B 64 23.54 -16.93 -2.27
N GLN B 65 23.25 -16.74 -0.98
CA GLN B 65 21.89 -16.52 -0.49
C GLN B 65 21.84 -15.26 0.36
N PRO B 66 21.97 -14.09 -0.26
CA PRO B 66 21.89 -12.84 0.50
C PRO B 66 20.48 -12.55 0.99
N LYS B 67 20.39 -11.61 1.93
CA LYS B 67 19.13 -11.16 2.48
C LYS B 67 19.24 -9.68 2.83
N ILE B 68 18.10 -9.05 3.01
CA ILE B 68 18.03 -7.77 3.73
C ILE B 68 17.78 -8.13 5.19
N PRO B 69 18.79 -8.10 6.05
CA PRO B 69 18.59 -8.58 7.43
C PRO B 69 17.80 -7.59 8.28
N ASP B 70 16.52 -7.42 7.96
CA ASP B 70 15.62 -6.59 8.73
C ASP B 70 14.53 -7.38 9.43
N GLY B 71 14.46 -8.69 9.20
CA GLY B 71 13.42 -9.50 9.81
C GLY B 71 12.04 -9.23 9.27
N LEU B 72 11.93 -8.65 8.07
CA LEU B 72 10.61 -8.42 7.48
C LEU B 72 9.99 -9.74 7.03
N LEU B 73 10.66 -10.47 6.13
CA LEU B 73 10.21 -11.79 5.72
C LEU B 73 10.72 -12.80 6.72
N THR B 74 9.83 -13.36 7.53
CA THR B 74 10.26 -14.29 8.57
C THR B 74 10.96 -15.51 7.97
N SER B 75 10.32 -16.17 7.01
CA SER B 75 10.90 -17.31 6.31
C SER B 75 11.00 -16.96 4.83
N SER B 76 12.22 -17.01 4.30
CA SER B 76 12.45 -16.54 2.94
C SER B 76 13.69 -17.22 2.37
N LEU B 77 13.78 -17.19 1.05
CA LEU B 77 14.96 -17.62 0.31
C LEU B 77 15.29 -16.57 -0.73
N SER B 78 16.56 -16.52 -1.12
CA SER B 78 17.05 -15.51 -2.04
C SER B 78 17.73 -16.16 -3.23
N ARG B 79 17.67 -15.49 -4.37
CA ARG B 79 18.40 -15.89 -5.55
C ARG B 79 19.10 -14.68 -6.15
N ARG B 80 20.33 -14.89 -6.63
CA ARG B 80 21.14 -13.84 -7.22
C ARG B 80 21.01 -13.95 -8.73
N LEU B 81 20.03 -13.26 -9.29
CA LEU B 81 19.79 -13.32 -10.72
C LEU B 81 20.87 -12.55 -11.47
N GLN B 82 21.58 -13.22 -12.36
CA GLN B 82 22.68 -12.60 -13.09
C GLN B 82 22.62 -13.01 -14.55
N ASN B 83 23.16 -12.15 -15.40
CA ASN B 83 23.29 -12.45 -16.82
C ASN B 83 24.45 -11.65 -17.38
N VAL B 84 25.20 -12.26 -18.29
CA VAL B 84 26.30 -11.61 -18.98
C VAL B 84 26.05 -11.74 -20.48
N VAL B 85 25.96 -10.61 -21.16
CA VAL B 85 25.65 -10.57 -22.58
C VAL B 85 26.61 -9.63 -23.27
N GLY B 86 26.83 -9.87 -24.57
CA GLY B 86 27.57 -8.96 -25.40
C GLY B 86 26.63 -8.04 -26.17
N VAL B 87 26.84 -6.73 -26.05
CA VAL B 87 25.98 -5.74 -26.69
C VAL B 87 26.85 -4.83 -27.55
N ARG B 88 26.41 -4.60 -28.78
CA ARG B 88 27.04 -3.60 -29.65
C ARG B 88 25.96 -2.71 -30.23
N ASN B 89 26.31 -1.45 -30.49
CA ASN B 89 25.37 -0.53 -31.11
C ASN B 89 25.00 -1.03 -32.51
N GLY B 90 23.73 -0.85 -32.86
CA GLY B 90 23.20 -1.43 -34.08
C GLY B 90 23.40 -0.54 -35.29
N ASN B 91 22.97 -1.06 -36.43
CA ASN B 91 23.00 -0.36 -37.71
C ASN B 91 21.56 -0.31 -38.23
N SER B 92 20.81 0.69 -37.77
CA SER B 92 19.40 0.80 -38.09
C SER B 92 19.22 1.36 -39.51
N PRO B 93 18.26 0.86 -40.28
CA PRO B 93 17.96 1.48 -41.57
C PRO B 93 17.17 2.77 -41.43
N SER B 94 16.19 2.81 -40.53
CA SER B 94 15.27 3.94 -40.45
C SER B 94 15.26 4.63 -39.09
N VAL B 95 15.09 3.88 -38.00
CA VAL B 95 14.76 4.51 -36.72
C VAL B 95 15.96 5.26 -36.16
N HIS B 96 17.11 4.61 -36.09
CA HIS B 96 18.35 5.22 -35.62
C HIS B 96 19.36 5.30 -36.76
N ALA B 97 18.87 5.60 -37.97
CA ALA B 97 19.75 5.65 -39.13
C ALA B 97 20.82 6.71 -38.94
N GLY B 98 22.08 6.28 -38.94
CA GLY B 98 23.20 7.18 -38.81
C GLY B 98 23.56 7.59 -37.41
N SER B 99 22.84 7.08 -36.40
CA SER B 99 23.06 7.46 -35.01
C SER B 99 23.95 6.43 -34.32
N ASP B 100 24.88 6.93 -33.50
CA ASP B 100 25.85 6.09 -32.82
C ASP B 100 25.57 5.94 -31.33
N VAL B 101 24.38 6.29 -30.87
CA VAL B 101 24.06 6.34 -29.44
C VAL B 101 23.20 5.13 -29.08
N MET B 102 23.65 4.35 -28.10
CA MET B 102 22.84 3.32 -27.47
C MET B 102 22.29 3.87 -26.16
N HIS B 103 20.99 3.73 -25.96
CA HIS B 103 20.32 4.20 -24.75
C HIS B 103 20.00 3.02 -23.85
N VAL B 104 20.46 3.07 -22.61
CA VAL B 104 20.35 1.96 -21.68
C VAL B 104 19.58 2.45 -20.45
N VAL B 105 18.56 1.70 -20.05
CA VAL B 105 17.78 1.97 -18.85
C VAL B 105 17.94 0.79 -17.91
N ILE B 106 18.38 1.06 -16.69
CA ILE B 106 18.49 0.06 -15.64
C ILE B 106 17.35 0.32 -14.66
N ALA B 107 16.38 -0.58 -14.61
CA ALA B 107 15.19 -0.37 -13.82
C ALA B 107 14.96 -1.53 -12.85
N PRO B 108 14.31 -1.29 -11.71
CA PRO B 108 14.03 -2.35 -10.73
C PRO B 108 12.81 -3.20 -11.10
N THR B 109 12.78 -3.68 -12.33
CA THR B 109 11.69 -4.51 -12.81
C THR B 109 12.03 -5.98 -12.62
N LEU B 110 11.01 -6.79 -12.35
CA LEU B 110 11.22 -8.18 -11.99
C LEU B 110 11.52 -9.01 -13.24
N GLY B 111 12.76 -9.45 -13.37
CA GLY B 111 13.14 -10.39 -14.40
C GLY B 111 13.91 -9.81 -15.57
N VAL B 112 13.56 -8.61 -16.03
CA VAL B 112 14.21 -8.01 -17.19
C VAL B 112 14.60 -6.58 -16.85
N PRO B 113 15.63 -6.39 -16.01
CA PRO B 113 15.91 -5.04 -15.51
C PRO B 113 16.50 -4.07 -16.53
N VAL B 114 17.05 -4.55 -17.65
CA VAL B 114 17.83 -3.71 -18.56
C VAL B 114 17.17 -3.70 -19.92
N MET B 115 17.04 -2.50 -20.50
CA MET B 115 16.58 -2.32 -21.86
C MET B 115 17.60 -1.45 -22.59
N ILE B 116 18.00 -1.89 -23.78
CA ILE B 116 19.00 -1.19 -24.59
C ILE B 116 18.36 -0.86 -25.92
N ALA B 117 18.27 0.43 -26.24
CA ALA B 117 17.74 0.89 -27.51
C ALA B 117 18.87 1.12 -28.51
N ASN B 118 18.62 0.78 -29.77
CA ASN B 118 19.59 0.93 -30.85
C ASN B 118 20.80 0.02 -30.63
N SER B 119 20.52 -1.24 -30.29
CA SER B 119 21.54 -2.27 -30.25
C SER B 119 21.41 -3.15 -31.49
N ALA B 120 22.51 -3.83 -31.83
CA ALA B 120 22.47 -4.72 -32.99
C ALA B 120 21.40 -5.79 -32.80
N GLU B 121 21.34 -6.38 -31.62
CA GLU B 121 20.33 -7.38 -31.33
C GLU B 121 18.93 -6.79 -31.40
N GLY B 122 18.77 -5.56 -30.91
CA GLY B 122 17.48 -4.89 -31.05
C GLY B 122 17.11 -4.64 -32.49
N VAL B 123 18.09 -4.23 -33.31
CA VAL B 123 17.83 -3.98 -34.72
C VAL B 123 17.45 -5.28 -35.44
N LEU B 124 18.04 -6.40 -35.02
CA LEU B 124 17.75 -7.68 -35.68
C LEU B 124 16.41 -8.24 -35.23
N LYS B 125 16.17 -8.32 -33.92
CA LYS B 125 14.98 -8.99 -33.42
C LYS B 125 13.73 -8.14 -33.57
N ARG B 126 13.85 -6.83 -33.43
CA ARG B 126 12.70 -5.92 -33.44
C ARG B 126 12.94 -4.79 -34.44
N PRO B 127 12.90 -5.09 -35.74
CA PRO B 127 13.23 -4.07 -36.75
C PRO B 127 12.15 -2.99 -36.82
N GLY B 128 12.58 -1.75 -36.66
CA GLY B 128 11.66 -0.62 -36.78
C GLY B 128 10.58 -0.59 -35.73
N LEU B 129 10.74 -1.33 -34.64
CA LEU B 129 9.71 -1.44 -33.62
C LEU B 129 10.34 -1.30 -32.24
N SER B 130 9.55 -0.78 -31.29
CA SER B 130 9.97 -0.62 -29.90
C SER B 130 11.37 0.00 -29.82
N GLN B 131 11.62 0.96 -30.70
CA GLN B 131 12.91 1.66 -30.77
C GLN B 131 14.06 0.70 -31.05
N GLU B 132 13.78 -0.44 -31.68
CA GLU B 132 14.79 -1.44 -32.01
C GLU B 132 15.64 -1.76 -30.78
N SER B 133 14.96 -2.14 -29.70
CA SER B 133 15.60 -2.31 -28.40
C SER B 133 15.89 -3.78 -28.11
N SER B 134 16.90 -3.99 -27.29
CA SER B 134 17.22 -5.29 -26.73
C SER B 134 16.85 -5.31 -25.25
N PHE B 135 16.69 -6.51 -24.72
CA PHE B 135 16.39 -6.71 -23.31
C PHE B 135 17.34 -7.74 -22.73
N ILE B 136 17.81 -7.49 -21.51
CA ILE B 136 18.65 -8.44 -20.78
C ILE B 136 17.86 -8.88 -19.56
N GLY B 137 17.48 -10.14 -19.52
CA GLY B 137 16.70 -10.69 -18.43
C GLY B 137 17.39 -11.85 -17.76
N PHE B 138 16.63 -12.66 -17.03
CA PHE B 138 17.16 -13.76 -16.22
C PHE B 138 16.40 -15.03 -16.56
N PRO B 139 16.63 -15.61 -17.73
CA PRO B 139 15.92 -16.84 -18.11
C PRO B 139 16.41 -18.03 -17.30
N GLY B 140 15.55 -19.05 -17.22
CA GLY B 140 15.92 -20.29 -16.57
C GLY B 140 16.06 -20.23 -15.08
N GLN B 141 15.97 -19.04 -14.47
CA GLN B 141 15.98 -18.94 -13.04
C GLN B 141 14.55 -18.89 -12.51
N THR B 142 14.40 -18.81 -11.19
CA THR B 142 13.11 -19.09 -10.57
C THR B 142 12.02 -18.11 -11.03
N VAL B 143 12.36 -16.83 -11.17
CA VAL B 143 11.36 -15.79 -11.41
C VAL B 143 10.77 -15.92 -12.81
N GLY B 144 9.63 -15.28 -13.03
CA GLY B 144 9.03 -15.19 -14.35
C GLY B 144 7.57 -15.59 -14.35
N PHE B 145 6.92 -15.31 -15.48
CA PHE B 145 5.52 -15.61 -15.69
C PHE B 145 5.36 -16.50 -16.91
N GLU B 146 4.13 -16.92 -17.16
CA GLU B 146 3.76 -17.66 -18.35
C GLU B 146 2.40 -17.16 -18.83
N ASN B 147 2.35 -16.69 -20.07
CA ASN B 147 1.08 -16.26 -20.64
C ASN B 147 0.25 -17.48 -21.01
N LEU B 148 -1.03 -17.45 -20.65
CA LEU B 148 -1.97 -18.51 -20.93
C LEU B 148 -3.18 -17.94 -21.64
N ILE B 149 -3.87 -18.79 -22.39
CA ILE B 149 -5.23 -18.48 -22.80
C ILE B 149 -6.13 -18.73 -21.59
N GLU B 150 -6.87 -17.70 -21.18
CA GLU B 150 -7.55 -17.75 -19.89
C GLU B 150 -8.59 -18.87 -19.85
N SER B 151 -9.35 -19.04 -20.94
CA SER B 151 -10.46 -19.99 -20.90
C SER B 151 -9.97 -21.44 -20.87
N THR B 152 -8.86 -21.74 -21.52
CA THR B 152 -8.37 -23.12 -21.63
C THR B 152 -7.12 -23.39 -20.81
N GLY B 153 -6.35 -22.38 -20.46
CA GLY B 153 -5.13 -22.58 -19.71
C GLY B 153 -3.93 -22.99 -20.55
N VAL B 154 -4.08 -23.08 -21.87
CA VAL B 154 -2.97 -23.47 -22.75
C VAL B 154 -1.97 -22.33 -22.81
N PRO B 155 -0.69 -22.56 -22.51
CA PRO B 155 0.29 -21.47 -22.65
C PRO B 155 0.36 -20.99 -24.10
N THR B 156 0.53 -19.69 -24.26
CA THR B 156 0.44 -19.08 -25.59
C THR B 156 1.25 -17.79 -25.58
N TRP B 157 2.22 -17.70 -26.48
CA TRP B 157 2.95 -16.46 -26.70
C TRP B 157 3.21 -16.31 -28.19
N PRO B 158 2.97 -15.12 -28.77
CA PRO B 158 2.46 -13.89 -28.13
C PRO B 158 0.99 -13.98 -27.74
N PRO B 159 0.53 -13.11 -26.85
CA PRO B 159 -0.87 -13.15 -26.43
C PRO B 159 -1.82 -12.94 -27.61
N THR B 160 -2.97 -13.58 -27.54
CA THR B 160 -3.99 -13.46 -28.58
C THR B 160 -5.03 -12.38 -28.22
N ILE B 161 -4.55 -11.15 -28.09
CA ILE B 161 -5.41 -9.99 -27.87
C ILE B 161 -6.43 -9.95 -29.00
N PRO B 162 -7.70 -9.61 -28.73
CA PRO B 162 -8.32 -9.24 -27.45
C PRO B 162 -8.90 -10.41 -26.66
N THR B 163 -8.66 -11.65 -27.06
CA THR B 163 -9.16 -12.79 -26.30
C THR B 163 -8.54 -12.80 -24.91
N GLY B 164 -9.33 -13.26 -23.93
CA GLY B 164 -8.88 -13.27 -22.55
C GLY B 164 -7.59 -14.03 -22.32
N GLN B 165 -6.62 -13.36 -21.71
CA GLN B 165 -5.33 -13.95 -21.40
C GLN B 165 -5.13 -13.97 -19.89
N LYS B 166 -4.29 -14.90 -19.43
CA LYS B 166 -3.90 -14.98 -18.05
C LYS B 166 -2.37 -15.01 -17.97
N LEU B 167 -1.82 -14.19 -17.08
CA LEU B 167 -0.37 -14.13 -16.87
C LEU B 167 -0.06 -14.90 -15.59
N GLU B 168 0.10 -16.21 -15.72
CA GLU B 168 0.31 -17.07 -14.56
C GLU B 168 1.69 -16.84 -13.97
N ASN B 169 1.73 -16.59 -12.66
CA ASN B 169 3.00 -16.43 -11.97
C ASN B 169 3.63 -17.79 -11.72
N LYS B 170 4.80 -18.04 -12.32
CA LYS B 170 5.43 -19.35 -12.29
C LYS B 170 6.43 -19.51 -11.15
N GLY B 171 6.85 -18.42 -10.51
CA GLY B 171 7.55 -18.55 -9.26
C GLY B 171 6.63 -19.08 -8.17
N GLY B 172 7.21 -19.57 -7.10
CA GLY B 172 6.44 -20.06 -5.99
C GLY B 172 6.25 -19.02 -4.90
N PHE B 173 6.36 -17.75 -5.28
CA PHE B 173 6.33 -16.64 -4.35
C PHE B 173 5.39 -15.58 -4.86
N VAL B 174 4.88 -14.76 -3.95
CA VAL B 174 4.07 -13.60 -4.31
C VAL B 174 4.72 -12.32 -3.78
N LEU B 175 5.51 -12.46 -2.72
CA LEU B 175 6.24 -11.33 -2.15
C LEU B 175 7.69 -11.37 -2.62
N TRP B 176 8.19 -10.23 -3.07
CA TRP B 176 9.57 -10.13 -3.54
C TRP B 176 10.07 -8.71 -3.35
N ARG B 177 11.38 -8.59 -3.15
CA ARG B 177 12.03 -7.30 -3.05
C ARG B 177 13.48 -7.43 -3.52
N ILE B 178 14.06 -6.32 -3.94
CA ILE B 178 15.40 -6.31 -4.50
C ILE B 178 16.39 -5.97 -3.40
N ILE B 179 17.29 -6.90 -3.08
CA ILE B 179 18.34 -6.62 -2.10
C ILE B 179 19.28 -5.55 -2.64
N SER B 180 19.76 -5.75 -3.86
CA SER B 180 20.61 -4.77 -4.54
C SER B 180 20.66 -5.13 -6.01
N GLN B 181 20.83 -4.11 -6.85
CA GLN B 181 20.86 -4.27 -8.29
C GLN B 181 22.02 -3.47 -8.86
N GLY B 182 22.79 -4.07 -9.74
CA GLY B 182 23.95 -3.41 -10.31
C GLY B 182 24.20 -3.86 -11.73
N LEU B 183 24.80 -2.95 -12.51
CA LEU B 183 25.19 -3.22 -13.89
C LEU B 183 26.67 -2.89 -14.05
N ARG B 184 27.38 -3.75 -14.77
CA ARG B 184 28.76 -3.51 -15.16
C ARG B 184 28.83 -3.55 -16.68
N ILE B 185 29.44 -2.53 -17.27
CA ILE B 185 29.61 -2.43 -18.72
C ILE B 185 31.10 -2.42 -19.02
N ASP B 186 31.52 -3.28 -19.94
CA ASP B 186 32.92 -3.43 -20.31
C ASP B 186 33.04 -3.24 -21.81
N LEU B 187 33.86 -2.29 -22.24
CA LEU B 187 34.12 -2.09 -23.66
C LEU B 187 35.06 -3.19 -24.13
N ALA B 188 34.55 -4.10 -24.96
CA ALA B 188 35.31 -5.23 -25.43
C ALA B 188 36.04 -4.96 -26.74
N ASN B 189 35.99 -3.74 -27.25
CA ASN B 189 36.69 -3.41 -28.48
C ASN B 189 38.20 -3.47 -28.26
N SER B 190 38.93 -3.61 -29.36
CA SER B 190 40.38 -3.54 -29.30
C SER B 190 40.82 -2.16 -28.82
N ASP B 191 42.04 -2.09 -28.31
CA ASP B 191 42.56 -0.81 -27.82
C ASP B 191 42.58 0.24 -28.92
N GLU B 192 42.77 -0.17 -30.17
CA GLU B 192 42.80 0.78 -31.28
C GLU B 192 41.45 1.45 -31.48
N GLU B 193 40.36 0.78 -31.12
CA GLU B 193 38.99 1.26 -31.37
C GLU B 193 38.27 1.52 -30.06
N ASN B 194 38.93 2.16 -29.10
CA ASN B 194 38.39 2.38 -27.77
C ASN B 194 37.80 3.77 -27.58
N ASP B 195 37.58 4.51 -28.66
CA ASP B 195 37.07 5.87 -28.55
C ASP B 195 35.57 5.87 -28.25
N GLY B 196 35.08 7.03 -27.83
CA GLY B 196 33.70 7.20 -27.42
C GLY B 196 33.60 7.65 -25.97
N TRP B 197 32.38 8.04 -25.61
CA TRP B 197 32.12 8.55 -24.27
C TRP B 197 30.71 8.14 -23.85
N PHE B 198 30.44 8.27 -22.55
CA PHE B 198 29.16 7.91 -21.99
C PHE B 198 28.76 8.93 -20.94
N GLU B 199 27.46 8.97 -20.67
CA GLU B 199 26.89 9.84 -19.65
C GLU B 199 25.71 9.12 -19.02
N ALA B 200 25.53 9.33 -17.71
CA ALA B 200 24.49 8.60 -16.99
C ALA B 200 23.95 9.45 -15.86
N CYS B 201 22.74 9.09 -15.41
CA CYS B 201 22.13 9.75 -14.27
C CYS B 201 21.09 8.80 -13.67
N ARG B 202 20.87 8.94 -12.37
CA ARG B 202 19.76 8.29 -11.69
C ARG B 202 18.65 9.31 -11.48
N PHE B 203 17.42 8.83 -11.48
CA PHE B 203 16.26 9.72 -11.44
C PHE B 203 15.13 9.07 -10.67
N ASN B 204 14.25 9.92 -10.11
CA ASN B 204 13.01 9.47 -9.51
C ASN B 204 12.02 9.15 -10.61
N TRP B 205 11.49 7.94 -10.60
CA TRP B 205 10.71 7.45 -11.74
C TRP B 205 9.33 8.07 -11.78
N ARG B 206 8.93 8.46 -13.00
CA ARG B 206 7.59 8.94 -13.32
C ARG B 206 6.49 8.12 -12.64
N ASN B 207 6.68 6.79 -12.54
CA ASN B 207 5.69 5.86 -12.02
C ASN B 207 4.46 5.77 -12.94
N VAL B 208 4.70 5.80 -14.25
CA VAL B 208 3.62 5.71 -15.23
C VAL B 208 3.50 4.26 -15.68
N PRO B 209 2.30 3.68 -15.71
CA PRO B 209 2.19 2.25 -16.07
C PRO B 209 2.78 1.90 -17.43
N ARG B 210 2.64 2.77 -18.43
CA ARG B 210 3.14 2.44 -19.76
C ARG B 210 4.65 2.55 -19.88
N ASP B 211 5.35 2.95 -18.80
CA ASP B 211 6.81 2.94 -18.81
C ASP B 211 7.39 1.56 -18.58
N VAL B 212 6.57 0.56 -18.29
CA VAL B 212 7.02 -0.81 -18.10
C VAL B 212 6.26 -1.71 -19.03
N CYS B 213 6.86 -2.86 -19.34
CA CYS B 213 6.31 -3.79 -20.31
C CYS B 213 6.69 -5.20 -19.91
N MET B 214 6.16 -6.17 -20.65
CA MET B 214 6.49 -7.58 -20.44
C MET B 214 7.03 -8.17 -21.73
N THR B 215 8.12 -8.91 -21.62
CA THR B 215 8.77 -9.56 -22.75
C THR B 215 9.43 -10.83 -22.26
N PRO B 216 9.78 -11.75 -23.16
CA PRO B 216 10.45 -12.98 -22.73
C PRO B 216 11.73 -12.71 -21.95
N LEU B 217 11.98 -13.54 -20.93
CA LEU B 217 13.12 -13.35 -20.06
C LEU B 217 14.44 -13.51 -20.80
N ASP B 218 14.50 -14.38 -21.78
CA ASP B 218 15.76 -14.68 -22.45
C ASP B 218 16.13 -13.67 -23.53
N GLY B 219 15.40 -12.57 -23.64
CA GLY B 219 15.71 -11.53 -24.59
C GLY B 219 15.11 -11.74 -25.97
N SER B 220 14.50 -12.89 -26.21
CA SER B 220 13.89 -13.18 -27.50
C SER B 220 12.49 -12.57 -27.56
N THR B 221 11.79 -12.82 -28.67
CA THR B 221 10.42 -12.37 -28.84
C THR B 221 9.41 -13.51 -28.80
N THR B 222 9.86 -14.75 -28.67
CA THR B 222 9.01 -15.92 -28.86
C THR B 222 8.88 -16.80 -27.62
N THR B 223 9.90 -16.89 -26.78
CA THR B 223 9.85 -17.79 -25.64
C THR B 223 8.77 -17.36 -24.66
N ASN B 224 8.00 -18.33 -24.18
CA ASN B 224 6.93 -18.08 -23.22
C ASN B 224 7.41 -18.16 -21.78
N SER B 225 8.48 -17.45 -21.45
CA SER B 225 8.89 -17.20 -20.07
C SER B 225 9.08 -15.70 -19.95
N ILE B 226 8.12 -15.03 -19.32
CA ILE B 226 7.96 -13.59 -19.42
C ILE B 226 8.44 -12.94 -18.15
N GLY B 227 9.07 -11.77 -18.30
CA GLY B 227 9.41 -10.90 -17.18
C GLY B 227 8.90 -9.50 -17.44
N ILE B 228 9.29 -8.59 -16.54
CA ILE B 228 8.90 -7.20 -16.60
C ILE B 228 10.13 -6.37 -16.90
N ALA B 229 10.00 -5.48 -17.89
CA ALA B 229 11.11 -4.67 -18.36
C ALA B 229 10.71 -3.20 -18.40
N PRO B 230 11.68 -2.29 -18.31
CA PRO B 230 11.38 -0.89 -18.65
C PRO B 230 11.01 -0.76 -20.11
N ASN B 231 9.93 -0.04 -20.37
CA ASN B 231 9.39 0.09 -21.71
C ASN B 231 10.20 1.11 -22.52
N PRO B 232 10.57 0.81 -23.76
CA PRO B 232 11.23 1.83 -24.59
C PRO B 232 10.37 3.06 -24.84
N LEU B 233 9.06 2.99 -24.61
CA LEU B 233 8.23 4.19 -24.72
C LEU B 233 8.69 5.28 -23.75
N TRP B 234 9.35 4.89 -22.66
CA TRP B 234 9.85 5.89 -21.73
C TRP B 234 10.93 6.76 -22.36
N LEU B 235 11.72 6.19 -23.26
CA LEU B 235 12.70 7.00 -24.00
C LEU B 235 12.00 8.04 -24.85
N GLU B 236 10.92 7.65 -25.52
CA GLU B 236 10.20 8.58 -26.40
C GLU B 236 9.59 9.72 -25.61
N GLU B 237 9.07 9.44 -24.42
CA GLU B 237 8.38 10.45 -23.63
C GLU B 237 9.31 11.23 -22.71
N VAL B 238 10.35 10.58 -22.18
CA VAL B 238 11.20 11.21 -21.17
C VAL B 238 12.66 11.15 -21.58
N GLY B 239 13.15 9.95 -21.91
CA GLY B 239 14.58 9.75 -22.02
C GLY B 239 15.25 10.62 -23.08
N TYR B 240 14.72 10.59 -24.31
CA TYR B 240 15.38 11.28 -25.41
C TYR B 240 15.44 12.79 -25.15
N GLY B 241 14.38 13.36 -24.59
CA GLY B 241 14.31 14.78 -24.34
C GLY B 241 14.93 15.24 -23.04
N MET B 242 15.60 14.35 -22.31
CA MET B 242 16.17 14.71 -21.02
C MET B 242 17.50 15.41 -21.20
N ALA B 243 17.68 16.53 -20.51
CA ALA B 243 18.98 17.18 -20.41
C ALA B 243 19.69 16.56 -19.21
N MET B 244 20.44 15.49 -19.48
CA MET B 244 20.99 14.68 -18.39
C MET B 244 21.95 15.49 -17.54
N VAL B 245 22.70 16.41 -18.15
CA VAL B 245 23.74 17.13 -17.43
C VAL B 245 23.18 17.90 -16.24
N GLU B 246 21.89 18.27 -16.29
CA GLU B 246 21.28 19.01 -15.19
C GLU B 246 20.89 18.13 -14.02
N GLN B 247 20.76 16.83 -14.21
CA GLN B 247 20.25 15.96 -13.15
C GLN B 247 21.30 15.79 -12.05
N PRO B 248 20.90 15.81 -10.78
CA PRO B 248 21.87 15.60 -9.70
C PRO B 248 22.49 14.22 -9.77
N GLY B 249 23.77 14.14 -9.44
CA GLY B 249 24.50 12.90 -9.53
C GLY B 249 24.93 12.51 -10.93
N TYR B 250 24.70 13.38 -11.91
CA TYR B 250 25.07 13.09 -13.29
C TYR B 250 26.59 12.98 -13.42
N LYS B 251 27.04 11.99 -14.16
CA LYS B 251 28.45 11.81 -14.45
C LYS B 251 28.63 11.46 -15.91
N SER B 252 29.81 11.78 -16.43
CA SER B 252 30.19 11.42 -17.79
C SER B 252 31.62 10.90 -17.75
N GLY B 253 31.95 10.09 -18.76
CA GLY B 253 33.29 9.55 -18.84
C GLY B 253 33.58 9.07 -20.25
N LEU B 254 34.76 8.47 -20.41
CA LEU B 254 35.16 7.88 -21.68
C LEU B 254 34.81 6.40 -21.71
N LEU B 255 34.43 5.92 -22.89
CA LEU B 255 34.06 4.52 -23.02
C LEU B 255 35.20 3.60 -22.62
N LYS B 256 36.44 4.01 -22.86
CA LYS B 256 37.59 3.19 -22.49
C LYS B 256 37.78 3.10 -20.98
N ASP B 257 37.13 3.97 -20.22
CA ASP B 257 37.20 3.94 -18.77
C ASP B 257 35.93 3.39 -18.12
N ILE B 258 34.93 3.01 -18.91
CA ILE B 258 33.70 2.49 -18.32
C ILE B 258 33.92 1.13 -17.67
N LYS B 259 34.97 0.41 -18.06
CA LYS B 259 35.30 -0.85 -17.41
C LYS B 259 35.65 -0.68 -15.95
N LYS B 260 35.97 0.55 -15.53
CA LYS B 260 36.32 0.85 -14.15
C LYS B 260 35.13 1.41 -13.37
N ALA B 261 33.95 1.46 -13.96
CA ALA B 261 32.77 2.01 -13.34
C ALA B 261 31.74 0.92 -13.07
N GLU B 262 30.89 1.17 -12.07
CA GLU B 262 29.83 0.26 -11.69
C GLU B 262 28.57 1.05 -11.39
N PHE B 263 27.46 0.68 -12.03
CA PHE B 263 26.17 1.31 -11.82
C PHE B 263 25.33 0.42 -10.92
N MET B 264 24.73 1.01 -9.88
CA MET B 264 23.86 0.27 -8.99
C MET B 264 22.72 1.16 -8.53
N LEU B 265 21.53 0.58 -8.48
CA LEU B 265 20.37 1.31 -7.96
C LEU B 265 20.51 1.54 -6.47
N HIS B 266 19.86 2.58 -5.98
CA HIS B 266 19.94 2.97 -4.58
C HIS B 266 18.63 2.66 -3.88
N PRO B 267 18.63 1.84 -2.83
CA PRO B 267 17.40 1.64 -2.04
C PRO B 267 17.18 2.81 -1.08
N ARG B 268 16.13 2.69 -0.28
CA ARG B 268 15.85 3.65 0.77
C ARG B 268 16.56 3.26 2.06
N THR B 269 16.68 4.23 2.97
CA THR B 269 17.21 3.95 4.30
C THR B 269 16.15 3.38 5.24
N THR B 270 14.87 3.48 4.88
CA THR B 270 13.80 2.98 5.72
C THR B 270 13.46 1.54 5.32
N THR B 271 12.40 1.00 5.91
CA THR B 271 12.05 -0.39 5.68
C THR B 271 11.80 -0.66 4.21
N HIS B 272 12.49 -1.67 3.67
CA HIS B 272 12.34 -2.05 2.27
C HIS B 272 11.13 -2.97 2.14
N ASP B 273 9.96 -2.33 2.00
CA ASP B 273 8.72 -3.08 1.94
C ASP B 273 8.66 -3.92 0.66
N PRO B 274 8.17 -5.15 0.74
CA PRO B 274 8.15 -6.02 -0.45
C PRO B 274 7.02 -5.69 -1.40
N THR B 275 7.16 -6.18 -2.62
CA THR B 275 6.13 -6.06 -3.65
C THR B 275 5.27 -7.32 -3.66
N LEU B 276 3.98 -7.15 -3.94
CA LEU B 276 3.04 -8.26 -4.00
C LEU B 276 2.65 -8.50 -5.46
N ILE B 277 2.82 -9.74 -5.92
CA ILE B 277 2.39 -10.11 -7.26
C ILE B 277 0.93 -10.53 -7.18
N ASP B 278 0.08 -9.78 -7.83
CA ASP B 278 -1.35 -10.06 -7.85
C ASP B 278 -1.71 -10.93 -9.04
N PRO B 279 -2.80 -11.70 -8.97
CA PRO B 279 -3.29 -12.38 -10.16
C PRO B 279 -3.65 -11.37 -11.24
N PHE B 280 -3.34 -11.72 -12.49
CA PHE B 280 -3.42 -10.76 -13.59
C PHE B 280 -4.05 -11.45 -14.80
N GLU B 281 -5.19 -10.92 -15.24
CA GLU B 281 -5.85 -11.36 -16.45
C GLU B 281 -6.21 -10.14 -17.28
N TYR B 282 -5.97 -10.22 -18.59
CA TYR B 282 -6.11 -9.05 -19.44
C TYR B 282 -6.68 -9.44 -20.79
N GLY B 283 -7.53 -8.58 -21.32
CA GLY B 283 -7.94 -8.63 -22.71
C GLY B 283 -7.39 -7.43 -23.45
N GLY B 284 -8.23 -6.44 -23.69
CA GLY B 284 -7.80 -5.21 -24.34
C GLY B 284 -7.07 -4.25 -23.42
N SER B 285 -7.00 -4.55 -22.12
CA SER B 285 -6.29 -3.67 -21.20
C SER B 285 -4.79 -3.66 -21.44
N MET B 286 -4.26 -4.61 -22.21
CA MET B 286 -2.87 -4.61 -22.63
C MET B 286 -2.81 -4.55 -24.15
N THR B 287 -1.68 -4.08 -24.65
CA THR B 287 -1.52 -3.82 -26.08
C THR B 287 -0.05 -3.96 -26.46
N SER B 288 0.22 -3.82 -27.75
CA SER B 288 1.57 -3.81 -28.27
C SER B 288 1.61 -2.92 -29.50
N SER B 289 2.80 -2.82 -30.10
CA SER B 289 2.92 -2.08 -31.36
C SER B 289 2.16 -2.76 -32.49
N GLY B 290 1.74 -4.01 -32.30
CA GLY B 290 1.10 -4.76 -33.35
C GLY B 290 2.03 -5.54 -34.24
N GLY B 291 3.35 -5.41 -34.05
CA GLY B 291 4.32 -6.07 -34.89
C GLY B 291 4.90 -7.31 -34.23
N ILE B 292 6.01 -7.79 -34.82
CA ILE B 292 6.63 -9.03 -34.36
C ILE B 292 7.57 -8.83 -33.18
N ASP B 293 7.68 -7.60 -32.66
CA ASP B 293 8.57 -7.37 -31.53
C ASP B 293 8.00 -7.95 -30.24
N ASN B 294 6.68 -8.10 -30.16
CA ASN B 294 6.02 -8.76 -29.02
C ASN B 294 6.42 -8.13 -27.69
N VAL B 295 6.42 -6.81 -27.64
CA VAL B 295 6.62 -6.07 -26.41
C VAL B 295 5.26 -5.53 -25.98
N TYR B 296 4.74 -6.03 -24.87
CA TYR B 296 3.37 -5.74 -24.44
C TYR B 296 3.38 -4.89 -23.19
N TYR B 297 2.44 -3.96 -23.12
CA TYR B 297 2.36 -2.98 -22.05
C TYR B 297 0.92 -2.54 -21.92
N PRO B 298 0.55 -1.90 -20.82
CA PRO B 298 -0.84 -1.46 -20.64
C PRO B 298 -1.26 -0.53 -21.78
N SER B 299 -2.52 -0.69 -22.22
CA SER B 299 -3.02 0.12 -23.32
C SER B 299 -3.32 1.54 -22.90
N ASP B 300 -3.47 1.79 -21.60
CA ASP B 300 -3.60 3.15 -21.08
C ASP B 300 -3.04 3.18 -19.67
N ASN B 301 -2.93 4.37 -19.11
CA ASN B 301 -2.33 4.56 -17.80
C ASN B 301 -3.33 4.61 -16.66
N VAL B 302 -4.62 4.43 -16.94
CA VAL B 302 -5.65 4.69 -15.93
C VAL B 302 -6.47 3.47 -15.58
N SER B 303 -6.39 2.38 -16.33
CA SER B 303 -7.19 1.21 -16.01
C SER B 303 -6.69 0.53 -14.74
N GLY B 304 -7.56 -0.26 -14.12
CA GLY B 304 -7.15 -1.03 -12.96
C GLY B 304 -6.00 -1.96 -13.26
N ASN B 305 -6.05 -2.62 -14.42
CA ASN B 305 -4.97 -3.52 -14.81
C ASN B 305 -3.67 -2.76 -15.00
N ALA B 306 -3.72 -1.54 -15.53
CA ALA B 306 -2.50 -0.76 -15.72
C ALA B 306 -1.78 -0.54 -14.40
N VAL B 307 -2.52 -0.09 -13.39
CA VAL B 307 -1.91 0.19 -12.09
C VAL B 307 -1.47 -1.11 -11.42
N ARG B 308 -2.28 -2.17 -11.54
CA ARG B 308 -1.88 -3.44 -10.96
C ARG B 308 -0.58 -3.96 -11.58
N PHE B 309 -0.48 -3.90 -12.90
CA PHE B 309 0.72 -4.30 -13.61
C PHE B 309 1.92 -3.48 -13.14
N ARG B 310 1.76 -2.16 -13.09
CA ARG B 310 2.86 -1.30 -12.68
C ARG B 310 3.32 -1.63 -11.27
N ASP B 311 2.37 -1.80 -10.34
CA ASP B 311 2.73 -2.04 -8.94
C ASP B 311 3.41 -3.39 -8.78
N MET B 312 2.87 -4.44 -9.41
CA MET B 312 3.40 -5.78 -9.17
C MET B 312 4.72 -5.99 -9.89
N GLY B 313 4.95 -5.31 -11.01
CA GLY B 313 6.16 -5.55 -11.77
C GLY B 313 7.39 -4.78 -11.32
N VAL B 314 7.24 -3.77 -10.46
CA VAL B 314 8.32 -2.83 -10.16
C VAL B 314 8.49 -2.76 -8.65
N ASP B 315 9.74 -2.83 -8.20
CA ASP B 315 10.09 -2.52 -6.82
C ASP B 315 10.22 -1.01 -6.72
N GLN B 316 9.23 -0.37 -6.09
CA GLN B 316 9.16 1.08 -6.09
C GLN B 316 9.98 1.71 -4.96
N ASN B 317 10.68 0.91 -4.17
CA ASN B 317 11.63 1.44 -3.20
C ASN B 317 12.96 1.84 -3.84
N MET B 318 13.20 1.45 -5.09
CA MET B 318 14.44 1.72 -5.78
C MET B 318 14.26 2.85 -6.79
N ASP B 319 15.37 3.46 -7.16
CA ASP B 319 15.39 4.45 -8.23
C ASP B 319 15.83 3.79 -9.55
N TRP B 320 15.78 4.56 -10.62
CA TRP B 320 16.16 4.11 -11.94
C TRP B 320 17.45 4.79 -12.37
N ILE B 321 18.08 4.24 -13.41
CA ILE B 321 19.30 4.79 -13.98
C ILE B 321 19.16 4.85 -15.49
N TYR B 322 19.54 5.97 -16.08
CA TYR B 322 19.54 6.17 -17.52
C TYR B 322 20.97 6.41 -17.98
N ILE B 323 21.41 5.67 -19.00
CA ILE B 323 22.77 5.75 -19.51
C ILE B 323 22.71 5.98 -21.01
N ARG B 324 23.51 6.94 -21.49
CA ARG B 324 23.68 7.18 -22.92
C ARG B 324 25.11 6.78 -23.29
N LEU B 325 25.23 5.83 -24.22
CA LEU B 325 26.52 5.38 -24.73
C LEU B 325 26.73 5.95 -26.12
N HIS B 326 27.76 6.79 -26.27
CA HIS B 326 28.10 7.39 -27.55
C HIS B 326 29.24 6.56 -28.14
N CYS B 327 28.90 5.69 -29.08
CA CYS B 327 29.78 4.64 -29.53
C CYS B 327 30.41 4.98 -30.89
N ARG B 328 31.30 4.12 -31.33
CA ARG B 328 31.79 4.19 -32.70
C ARG B 328 30.65 3.88 -33.67
N PRO B 329 30.66 4.47 -34.86
CA PRO B 329 29.58 4.21 -35.82
C PRO B 329 29.59 2.77 -36.30
N ASN B 330 28.41 2.29 -36.67
CA ASN B 330 28.21 0.95 -37.21
C ASN B 330 27.57 1.10 -38.59
N ASN B 331 28.37 0.92 -39.64
CA ASN B 331 27.86 0.98 -41.00
C ASN B 331 27.38 -0.37 -41.50
N GLY B 332 27.61 -1.44 -40.75
CA GLY B 332 27.07 -2.75 -41.05
C GLY B 332 28.02 -3.67 -41.79
N THR B 333 29.03 -3.13 -42.49
CA THR B 333 29.94 -3.95 -43.26
C THR B 333 31.37 -3.88 -42.74
N SER B 334 31.97 -2.69 -42.70
CA SER B 334 33.37 -2.53 -42.36
C SER B 334 33.60 -2.10 -40.91
N SER B 335 32.78 -1.18 -40.41
CA SER B 335 32.88 -0.71 -39.03
C SER B 335 31.67 -1.22 -38.26
N LEU B 336 31.92 -2.01 -37.22
CA LEU B 336 30.87 -2.64 -36.45
C LEU B 336 30.61 -1.93 -35.13
N GLY B 337 30.99 -0.65 -35.02
CA GLY B 337 30.69 0.09 -33.84
C GLY B 337 31.46 -0.40 -32.63
N SER B 338 30.90 -0.15 -31.45
CA SER B 338 31.50 -0.57 -30.19
C SER B 338 30.79 -1.79 -29.66
N ASN B 339 31.56 -2.79 -29.23
CA ASN B 339 31.03 -4.00 -28.63
C ASN B 339 31.31 -3.96 -27.13
N PHE B 340 30.28 -4.18 -26.32
CA PHE B 340 30.40 -4.12 -24.88
C PHE B 340 30.13 -5.48 -24.26
N LEU B 341 30.55 -5.63 -23.01
CA LEU B 341 30.19 -6.76 -22.17
C LEU B 341 29.27 -6.23 -21.07
N PHE B 342 28.00 -6.60 -21.12
CA PHE B 342 27.02 -6.17 -20.12
C PHE B 342 26.89 -7.24 -19.05
N ASN B 343 27.02 -6.84 -17.79
CA ASN B 343 26.90 -7.76 -16.66
C ASN B 343 25.94 -7.15 -15.65
N VAL B 344 24.74 -7.70 -15.56
CA VAL B 344 23.68 -7.19 -14.71
C VAL B 344 23.32 -8.25 -13.67
N ILE B 345 23.28 -7.86 -12.41
CA ILE B 345 22.91 -8.74 -11.32
C ILE B 345 21.76 -8.11 -10.55
N GLN B 346 20.72 -8.88 -10.23
CA GLN B 346 19.54 -8.43 -9.45
C GLN B 346 19.36 -9.41 -8.30
N ASN B 347 19.80 -9.06 -7.10
CA ASN B 347 19.68 -9.90 -5.91
C ASN B 347 18.29 -9.70 -5.31
N VAL B 348 17.48 -10.76 -5.33
CA VAL B 348 16.07 -10.68 -4.98
C VAL B 348 15.79 -11.61 -3.80
N GLU B 349 15.03 -11.12 -2.83
CA GLU B 349 14.54 -11.92 -1.72
C GLU B 349 13.04 -12.17 -1.90
N VAL B 350 12.63 -13.43 -1.74
CA VAL B 350 11.24 -13.81 -1.94
C VAL B 350 10.78 -14.67 -0.77
N ALA B 351 9.47 -14.72 -0.57
CA ALA B 351 8.84 -15.59 0.42
C ALA B 351 8.07 -16.67 -0.34
N PHE B 352 8.61 -17.87 -0.37
CA PHE B 352 7.99 -18.94 -1.13
C PHE B 352 6.74 -19.46 -0.43
N ASN B 353 5.74 -19.80 -1.22
CA ASN B 353 4.50 -20.36 -0.71
C ASN B 353 4.60 -21.88 -0.58
N PRO B 354 3.70 -22.50 0.18
CA PRO B 354 3.85 -23.94 0.48
C PRO B 354 3.97 -24.83 -0.75
N SER B 355 3.27 -24.50 -1.83
CA SER B 355 3.26 -25.38 -3.00
C SER B 355 4.62 -25.48 -3.65
N SER B 356 5.51 -24.53 -3.38
CA SER B 356 6.82 -24.50 -4.03
C SER B 356 7.74 -25.55 -3.44
N ASP B 357 8.51 -26.22 -4.30
CA ASP B 357 9.55 -27.12 -3.82
C ASP B 357 10.65 -26.37 -3.09
N PHE B 358 10.81 -25.07 -3.37
CA PHE B 358 11.80 -24.25 -2.68
C PHE B 358 11.41 -23.92 -1.25
N ALA B 359 10.17 -24.21 -0.85
CA ALA B 359 9.73 -23.86 0.50
C ALA B 359 10.57 -24.57 1.55
N ALA B 360 11.02 -25.79 1.25
CA ALA B 360 11.81 -26.54 2.22
C ALA B 360 13.15 -25.88 2.51
N PHE B 361 13.68 -25.11 1.54
CA PHE B 361 15.00 -24.52 1.69
C PHE B 361 15.00 -23.17 2.38
N GLN B 362 13.83 -22.60 2.68
CA GLN B 362 13.77 -21.25 3.23
C GLN B 362 14.44 -21.21 4.61
N THR B 363 15.06 -20.07 4.90
CA THR B 363 15.77 -19.85 6.15
C THR B 363 15.19 -18.63 6.85
N ILE B 364 15.56 -18.47 8.13
CA ILE B 364 15.02 -17.41 8.96
C ILE B 364 15.77 -16.12 8.69
N ASN B 365 15.02 -15.05 8.41
CA ASN B 365 15.59 -13.72 8.26
C ASN B 365 15.66 -13.06 9.63
N LYS B 366 16.88 -12.86 10.13
CA LYS B 366 17.10 -12.23 11.43
C LYS B 366 17.44 -10.77 11.24
N ALA B 367 16.80 -9.90 12.01
CA ALA B 367 17.07 -8.48 11.93
C ALA B 367 18.47 -8.16 12.45
N ASP B 368 19.14 -7.23 11.79
CA ASP B 368 20.46 -6.78 12.17
C ASP B 368 20.42 -5.28 12.47
N THR B 369 21.27 -4.86 13.40
CA THR B 369 21.28 -3.47 13.84
C THR B 369 21.93 -2.52 12.83
N LYS B 370 22.71 -3.04 11.88
CA LYS B 370 23.46 -2.20 10.95
C LYS B 370 22.75 -2.00 9.62
N THR B 371 21.53 -2.51 9.45
CA THR B 371 20.87 -2.44 8.15
C THR B 371 20.60 -1.00 7.73
N LYS B 372 19.99 -0.21 8.63
CA LYS B 372 19.69 1.17 8.31
C LYS B 372 20.96 1.95 8.01
N MET B 373 22.00 1.75 8.81
CA MET B 373 23.26 2.45 8.58
C MET B 373 23.84 2.10 7.21
N VAL B 374 23.81 0.82 6.85
CA VAL B 374 24.36 0.39 5.57
C VAL B 374 23.58 1.03 4.43
N ALA B 375 22.25 1.00 4.51
CA ALA B 375 21.44 1.59 3.45
C ALA B 375 21.69 3.08 3.32
N ASP B 376 21.74 3.80 4.45
CA ASP B 376 21.95 5.24 4.40
C ASP B 376 23.32 5.58 3.84
N GLY B 377 24.35 4.84 4.25
CA GLY B 377 25.67 5.05 3.68
C GLY B 377 25.69 4.80 2.19
N LEU B 378 24.91 3.83 1.73
CA LEU B 378 24.88 3.54 0.30
C LEU B 378 24.20 4.68 -0.48
N ASN B 379 23.03 5.11 -0.03
CA ASN B 379 22.21 6.04 -0.83
C ASN B 379 22.54 7.51 -0.57
N ASN B 380 23.44 7.81 0.37
CA ASN B 380 23.79 9.19 0.64
C ASN B 380 24.60 9.83 -0.48
N ASN B 381 25.08 9.05 -1.43
CA ASN B 381 25.87 9.55 -2.55
C ASN B 381 25.06 9.42 -3.83
N PRO B 382 24.67 10.52 -4.49
CA PRO B 382 23.87 10.40 -5.72
C PRO B 382 24.68 10.07 -6.97
N ASP B 383 25.99 9.88 -6.86
CA ASP B 383 26.80 9.60 -8.05
C ASP B 383 26.26 8.37 -8.77
N VAL B 384 26.06 8.51 -10.08
CA VAL B 384 25.38 7.47 -10.84
C VAL B 384 26.23 6.20 -10.88
N PHE B 385 27.55 6.34 -10.96
CA PHE B 385 28.43 5.18 -10.91
C PHE B 385 29.60 5.46 -9.97
N ASN B 386 30.15 4.37 -9.44
CA ASN B 386 31.29 4.42 -8.54
C ASN B 386 32.38 3.49 -9.06
N GLY B 387 33.60 3.72 -8.58
CA GLY B 387 34.72 2.90 -9.01
C GLY B 387 34.51 1.43 -8.75
N ARG B 388 34.70 0.61 -9.79
CA ARG B 388 34.60 -0.83 -9.65
C ARG B 388 35.81 -1.35 -8.88
N GLY C 47 21.63 19.52 8.60
CA GLY C 47 21.26 19.95 9.94
C GLY C 47 19.96 19.31 10.40
N ALA C 48 20.08 18.20 11.11
CA ALA C 48 18.88 17.48 11.55
C ALA C 48 18.10 18.29 12.57
N ALA C 49 18.77 19.16 13.33
CA ALA C 49 18.06 19.95 14.34
C ALA C 49 17.03 20.86 13.70
N LYS C 50 17.38 21.50 12.57
CA LYS C 50 16.43 22.39 11.91
C LYS C 50 15.26 21.61 11.33
N HIS C 51 15.53 20.43 10.78
CA HIS C 51 14.45 19.57 10.28
C HIS C 51 13.51 19.20 11.41
N HIS C 52 14.04 18.81 12.57
CA HIS C 52 13.19 18.46 13.70
C HIS C 52 12.39 19.67 14.18
N ALA C 53 13.03 20.84 14.22
CA ALA C 53 12.32 22.05 14.64
C ALA C 53 11.13 22.33 13.74
N VAL C 54 11.30 22.19 12.42
CA VAL C 54 10.17 22.36 11.53
C VAL C 54 9.15 21.25 11.73
N ARG C 55 9.61 20.04 12.04
CA ARG C 55 8.69 18.92 12.25
C ARG C 55 7.74 19.19 13.41
N VAL C 56 8.24 19.77 14.50
CA VAL C 56 7.41 20.00 15.68
C VAL C 56 6.78 21.38 15.72
N LYS C 57 7.23 22.31 14.88
CA LYS C 57 6.67 23.67 14.83
C LYS C 57 6.51 24.08 13.37
N PRO C 58 5.31 23.93 12.81
CA PRO C 58 5.15 24.18 11.37
C PRO C 58 5.56 25.57 10.92
N PHE C 59 5.40 26.59 11.76
CA PHE C 59 5.75 27.95 11.42
C PHE C 59 7.17 28.32 11.83
N SER C 60 7.97 27.36 12.24
CA SER C 60 9.35 27.63 12.60
C SER C 60 10.15 28.10 11.38
N ASN C 61 11.08 29.02 11.63
CA ASN C 61 11.96 29.55 10.60
C ASN C 61 13.36 28.95 10.67
N ALA C 62 13.48 27.73 11.16
CA ALA C 62 14.79 27.10 11.29
C ALA C 62 15.44 26.90 9.92
N THR C 63 14.66 26.49 8.93
CA THR C 63 15.20 26.23 7.60
C THR C 63 14.13 26.46 6.55
N THR C 64 14.57 26.79 5.34
CA THR C 64 13.67 26.94 4.21
C THR C 64 13.49 25.64 3.43
N GLN C 65 14.29 24.61 3.73
CA GLN C 65 14.24 23.34 3.01
C GLN C 65 14.13 22.20 4.02
N PRO C 66 13.03 22.14 4.75
CA PRO C 66 12.85 21.06 5.73
C PRO C 66 12.63 19.71 5.06
N LYS C 67 12.98 18.65 5.79
CA LYS C 67 12.75 17.29 5.36
C LYS C 67 12.45 16.44 6.58
N ILE C 68 11.90 15.26 6.35
CA ILE C 68 11.84 14.24 7.40
C ILE C 68 13.15 13.46 7.32
N PRO C 69 14.10 13.69 8.21
CA PRO C 69 15.44 13.06 8.03
C PRO C 69 15.45 11.59 8.40
N ASP C 70 14.81 10.79 7.56
CA ASP C 70 14.78 9.34 7.71
C ASP C 70 15.40 8.60 6.54
N GLY C 71 15.82 9.32 5.50
CA GLY C 71 16.44 8.66 4.36
C GLY C 71 15.50 7.85 3.50
N LEU C 72 14.19 8.13 3.57
CA LEU C 72 13.25 7.42 2.71
C LEU C 72 13.38 7.87 1.26
N LEU C 73 13.31 9.17 1.02
CA LEU C 73 13.45 9.73 -0.32
C LEU C 73 14.92 10.06 -0.53
N THR C 74 15.55 9.37 -1.48
CA THR C 74 16.98 9.56 -1.69
C THR C 74 17.29 10.96 -2.21
N SER C 75 16.61 11.40 -3.26
CA SER C 75 16.74 12.74 -3.78
C SER C 75 15.38 13.41 -3.78
N SER C 76 15.29 14.58 -3.16
CA SER C 76 14.00 15.21 -2.93
C SER C 76 14.19 16.71 -2.77
N LEU C 77 13.09 17.43 -2.86
CA LEU C 77 13.05 18.85 -2.60
C LEU C 77 11.73 19.16 -1.90
N SER C 78 11.77 20.09 -0.96
CA SER C 78 10.62 20.43 -0.14
C SER C 78 10.20 21.87 -0.40
N ARG C 79 8.91 22.12 -0.23
CA ARG C 79 8.36 23.47 -0.31
C ARG C 79 7.45 23.72 0.88
N ARG C 80 7.55 24.92 1.45
CA ARG C 80 6.73 25.32 2.60
C ARG C 80 5.55 26.13 2.05
N LEU C 81 4.48 25.43 1.72
CA LEU C 81 3.29 26.08 1.17
C LEU C 81 2.60 26.89 2.25
N GLN C 82 2.23 28.13 1.94
CA GLN C 82 1.63 29.02 2.92
C GLN C 82 0.60 29.91 2.24
N ASN C 83 -0.39 30.33 3.00
CA ASN C 83 -1.37 31.30 2.54
C ASN C 83 -1.97 32.01 3.74
N VAL C 84 -2.33 33.28 3.55
CA VAL C 84 -2.94 34.11 4.58
C VAL C 84 -4.25 34.65 4.01
N VAL C 85 -5.35 34.39 4.71
CA VAL C 85 -6.68 34.72 4.22
C VAL C 85 -7.50 35.31 5.35
N GLY C 86 -8.27 36.33 5.04
CA GLY C 86 -9.26 36.85 5.98
C GLY C 86 -10.57 36.09 5.84
N VAL C 87 -11.16 35.74 6.97
CA VAL C 87 -12.36 34.92 7.01
C VAL C 87 -13.35 35.55 7.98
N ARG C 88 -14.62 35.56 7.60
CA ARG C 88 -15.71 36.05 8.43
C ARG C 88 -16.86 35.05 8.36
N ASN C 89 -17.51 34.83 9.50
CA ASN C 89 -18.71 34.00 9.49
C ASN C 89 -19.81 34.70 8.70
N GLY C 90 -20.49 33.94 7.86
CA GLY C 90 -21.39 34.50 6.88
C GLY C 90 -22.79 34.74 7.42
N ASN C 91 -23.60 35.36 6.57
CA ASN C 91 -25.02 35.61 6.82
C ASN C 91 -25.77 34.83 5.75
N SER C 92 -26.04 33.56 6.02
CA SER C 92 -26.66 32.73 4.99
C SER C 92 -28.19 32.86 5.06
N PRO C 93 -28.87 32.90 3.91
CA PRO C 93 -30.34 32.98 3.96
C PRO C 93 -31.00 31.70 4.42
N SER C 94 -30.59 30.53 3.89
CA SER C 94 -31.29 29.28 4.15
C SER C 94 -30.43 28.22 4.81
N VAL C 95 -29.24 27.96 4.27
CA VAL C 95 -28.50 26.75 4.67
C VAL C 95 -28.07 26.84 6.13
N HIS C 96 -27.51 27.97 6.54
CA HIS C 96 -27.09 28.20 7.91
C HIS C 96 -27.92 29.31 8.55
N ALA C 97 -29.19 29.41 8.18
CA ALA C 97 -30.03 30.50 8.66
C ALA C 97 -30.06 30.51 10.19
N GLY C 98 -29.78 31.67 10.76
CA GLY C 98 -29.86 31.86 12.19
C GLY C 98 -28.74 31.24 12.99
N SER C 99 -27.79 30.57 12.35
CA SER C 99 -26.70 29.90 13.02
C SER C 99 -25.46 30.77 12.98
N ASP C 100 -24.79 30.91 14.13
CA ASP C 100 -23.58 31.70 14.24
C ASP C 100 -22.32 30.86 14.24
N VAL C 101 -22.41 29.58 13.90
CA VAL C 101 -21.29 28.65 14.00
C VAL C 101 -20.61 28.55 12.65
N MET C 102 -19.32 28.81 12.62
CA MET C 102 -18.49 28.61 11.43
C MET C 102 -17.66 27.36 11.64
N HIS C 103 -17.75 26.42 10.71
CA HIS C 103 -17.14 25.10 10.85
C HIS C 103 -15.88 25.03 10.01
N VAL C 104 -14.76 24.70 10.64
CA VAL C 104 -13.45 24.68 10.01
C VAL C 104 -12.89 23.28 10.09
N VAL C 105 -12.45 22.75 8.94
CA VAL C 105 -11.79 21.46 8.87
C VAL C 105 -10.42 21.67 8.27
N ILE C 106 -9.40 21.17 8.95
CA ILE C 106 -8.02 21.21 8.49
C ILE C 106 -7.58 19.76 8.28
N ALA C 107 -7.34 19.39 7.03
CA ALA C 107 -7.07 18.02 6.66
C ALA C 107 -5.76 17.94 5.91
N PRO C 108 -5.07 16.78 5.95
CA PRO C 108 -3.77 16.63 5.28
C PRO C 108 -3.89 16.36 3.77
N THR C 109 -4.72 17.16 3.10
CA THR C 109 -4.92 17.03 1.66
C THR C 109 -3.92 17.90 0.92
N LEU C 110 -3.61 17.50 -0.31
CA LEU C 110 -2.58 18.17 -1.11
C LEU C 110 -3.17 19.42 -1.73
N GLY C 111 -2.71 20.58 -1.28
CA GLY C 111 -3.02 21.83 -1.94
C GLY C 111 -4.04 22.71 -1.25
N VAL C 112 -5.13 22.11 -0.76
CA VAL C 112 -6.22 22.87 -0.15
C VAL C 112 -6.54 22.28 1.22
N PRO C 113 -5.68 22.47 2.21
CA PRO C 113 -5.88 21.77 3.50
C PRO C 113 -7.10 22.24 4.29
N VAL C 114 -7.63 23.43 4.04
CA VAL C 114 -8.62 24.05 4.92
C VAL C 114 -9.92 24.24 4.17
N MET C 115 -11.02 23.78 4.77
CA MET C 115 -12.37 24.06 4.32
C MET C 115 -13.12 24.76 5.46
N ILE C 116 -13.90 25.78 5.11
CA ILE C 116 -14.60 26.60 6.10
C ILE C 116 -16.05 26.72 5.64
N ALA C 117 -16.96 26.11 6.40
CA ALA C 117 -18.38 26.17 6.10
C ALA C 117 -19.03 27.30 6.88
N ASN C 118 -20.12 27.84 6.31
CA ASN C 118 -20.79 29.02 6.87
C ASN C 118 -19.84 30.22 6.93
N SER C 119 -19.12 30.43 5.83
CA SER C 119 -18.23 31.56 5.68
C SER C 119 -18.90 32.62 4.80
N ALA C 120 -18.59 33.88 5.08
CA ALA C 120 -19.12 34.95 4.23
C ALA C 120 -18.64 34.80 2.80
N GLU C 121 -17.37 34.45 2.63
CA GLU C 121 -16.85 34.12 1.31
C GLU C 121 -17.57 32.91 0.73
N GLY C 122 -17.86 31.91 1.57
CA GLY C 122 -18.61 30.76 1.09
C GLY C 122 -20.03 31.13 0.68
N VAL C 123 -20.68 32.01 1.44
CA VAL C 123 -22.02 32.46 1.08
C VAL C 123 -22.00 33.22 -0.23
N LEU C 124 -20.97 34.05 -0.44
CA LEU C 124 -20.90 34.85 -1.66
C LEU C 124 -20.58 33.97 -2.87
N LYS C 125 -19.60 33.08 -2.75
CA LYS C 125 -19.11 32.32 -3.90
C LYS C 125 -19.97 31.10 -4.19
N ARG C 126 -20.49 30.45 -3.16
CA ARG C 126 -21.22 29.18 -3.31
C ARG C 126 -22.56 29.26 -2.61
N PRO C 127 -23.46 30.10 -3.11
CA PRO C 127 -24.74 30.32 -2.42
C PRO C 127 -25.58 29.06 -2.33
N GLY C 128 -25.97 28.70 -1.11
CA GLY C 128 -26.85 27.56 -0.91
C GLY C 128 -26.30 26.25 -1.38
N LEU C 129 -24.99 26.14 -1.55
CA LEU C 129 -24.37 24.96 -2.12
C LEU C 129 -23.12 24.61 -1.35
N SER C 130 -22.87 23.31 -1.19
CA SER C 130 -21.68 22.81 -0.52
C SER C 130 -21.51 23.45 0.85
N GLN C 131 -22.63 23.60 1.56
CA GLN C 131 -22.66 24.20 2.89
C GLN C 131 -22.18 25.64 2.90
N GLU C 132 -22.17 26.30 1.74
CA GLU C 132 -21.66 27.65 1.61
C GLU C 132 -20.26 27.75 2.20
N SER C 133 -19.38 26.91 1.68
CA SER C 133 -18.03 26.79 2.20
C SER C 133 -17.05 27.61 1.37
N SER C 134 -15.95 27.99 2.01
CA SER C 134 -14.81 28.60 1.36
C SER C 134 -13.59 27.72 1.61
N PHE C 135 -12.62 27.83 0.72
CA PHE C 135 -11.43 26.99 0.75
C PHE C 135 -10.17 27.84 0.74
N ILE C 136 -9.19 27.43 1.51
CA ILE C 136 -7.87 28.06 1.53
C ILE C 136 -6.88 27.06 0.97
N GLY C 137 -6.25 27.42 -0.15
CA GLY C 137 -5.26 26.58 -0.80
C GLY C 137 -3.95 27.28 -0.99
N PHE C 138 -3.12 26.78 -1.92
CA PHE C 138 -1.78 27.32 -2.16
C PHE C 138 -1.58 27.54 -3.65
N PRO C 139 -2.21 28.57 -4.21
CA PRO C 139 -2.02 28.86 -5.64
C PRO C 139 -0.65 29.46 -5.91
N GLY C 140 -0.20 29.31 -7.15
CA GLY C 140 1.07 29.86 -7.55
C GLY C 140 2.26 29.20 -6.92
N GLN C 141 2.05 28.08 -6.25
CA GLN C 141 3.11 27.28 -5.68
C GLN C 141 3.09 25.92 -6.38
N THR C 142 4.22 25.23 -6.35
CA THR C 142 4.46 24.17 -7.32
C THR C 142 3.31 23.18 -7.43
N VAL C 143 2.70 22.82 -6.28
CA VAL C 143 1.69 21.76 -6.28
C VAL C 143 0.47 22.21 -7.08
N GLY C 144 -0.32 21.21 -7.49
CA GLY C 144 -1.58 21.49 -8.16
C GLY C 144 -1.87 20.59 -9.34
N PHE C 145 -3.11 20.58 -9.79
CA PHE C 145 -3.55 19.83 -10.96
C PHE C 145 -4.19 20.78 -11.96
N GLU C 146 -4.40 20.29 -13.17
CA GLU C 146 -5.16 20.99 -14.18
C GLU C 146 -6.13 20.02 -14.83
N ASN C 147 -7.39 20.40 -14.92
CA ASN C 147 -8.40 19.56 -15.53
C ASN C 147 -8.42 19.77 -17.04
N LEU C 148 -8.47 18.68 -17.79
CA LEU C 148 -8.50 18.71 -19.24
C LEU C 148 -9.63 17.83 -19.75
N ILE C 149 -10.08 18.11 -20.97
CA ILE C 149 -10.94 17.17 -21.67
C ILE C 149 -10.05 16.09 -22.28
N GLU C 150 -10.30 14.83 -21.92
CA GLU C 150 -9.36 13.77 -22.21
C GLU C 150 -9.16 13.58 -23.72
N SER C 151 -10.26 13.57 -24.49
CA SER C 151 -10.16 13.28 -25.92
C SER C 151 -9.37 14.35 -26.65
N THR C 152 -9.65 15.62 -26.37
CA THR C 152 -9.01 16.73 -27.08
C THR C 152 -7.83 17.33 -26.34
N GLY C 153 -7.77 17.16 -25.02
CA GLY C 153 -6.69 17.74 -24.24
C GLY C 153 -6.89 19.20 -23.86
N VAL C 154 -8.05 19.76 -24.16
CA VAL C 154 -8.32 21.18 -23.89
C VAL C 154 -8.51 21.39 -22.39
N PRO C 155 -7.75 22.29 -21.76
CA PRO C 155 -8.01 22.59 -20.35
C PRO C 155 -9.44 23.08 -20.16
N THR C 156 -10.07 22.60 -19.09
CA THR C 156 -11.51 22.82 -18.90
C THR C 156 -11.82 22.82 -17.42
N TRP C 157 -12.25 23.96 -16.89
CA TRP C 157 -12.88 24.01 -15.59
C TRP C 157 -14.09 24.93 -15.65
N PRO C 158 -15.24 24.51 -15.08
CA PRO C 158 -15.50 23.24 -14.39
C PRO C 158 -15.59 22.05 -15.35
N PRO C 159 -15.38 20.83 -14.84
CA PRO C 159 -15.40 19.66 -15.72
C PRO C 159 -16.73 19.51 -16.44
N THR C 160 -16.65 19.03 -17.68
CA THR C 160 -17.83 18.76 -18.50
C THR C 160 -18.22 17.28 -18.44
N ILE C 161 -18.66 16.84 -17.26
CA ILE C 161 -19.16 15.49 -17.05
C ILE C 161 -20.46 15.36 -17.83
N PRO C 162 -20.80 14.19 -18.42
CA PRO C 162 -20.09 12.89 -18.41
C PRO C 162 -18.96 12.76 -19.42
N THR C 163 -18.61 13.79 -20.18
CA THR C 163 -17.50 13.67 -21.12
C THR C 163 -16.24 13.30 -20.38
N GLY C 164 -15.43 12.45 -21.00
CA GLY C 164 -14.19 12.00 -20.39
C GLY C 164 -13.27 13.14 -20.02
N GLN C 165 -12.83 13.17 -18.77
CA GLN C 165 -11.94 14.21 -18.26
C GLN C 165 -10.64 13.59 -17.80
N LYS C 166 -9.61 14.42 -17.72
CA LYS C 166 -8.31 14.02 -17.19
C LYS C 166 -7.85 15.05 -16.18
N LEU C 167 -7.38 14.58 -15.03
CA LEU C 167 -6.85 15.45 -13.99
C LEU C 167 -5.33 15.34 -14.05
N GLU C 168 -4.71 16.25 -14.80
CA GLU C 168 -3.28 16.20 -15.04
C GLU C 168 -2.52 16.75 -13.84
N ASN C 169 -1.49 16.01 -13.42
CA ASN C 169 -0.61 16.45 -12.35
C ASN C 169 0.40 17.44 -12.94
N LYS C 170 0.36 18.68 -12.46
CA LYS C 170 1.24 19.74 -12.95
C LYS C 170 2.47 19.95 -12.09
N GLY C 171 2.60 19.24 -10.98
CA GLY C 171 3.67 19.50 -10.04
C GLY C 171 5.03 19.01 -10.45
N GLY C 172 5.12 18.12 -11.44
CA GLY C 172 6.38 17.51 -11.79
C GLY C 172 6.86 16.45 -10.83
N PHE C 173 6.02 16.02 -9.90
CA PHE C 173 6.35 14.97 -8.94
C PHE C 173 5.17 14.03 -8.85
N VAL C 174 5.43 12.83 -8.33
CA VAL C 174 4.35 11.88 -8.05
C VAL C 174 4.37 11.38 -6.61
N LEU C 175 5.49 11.46 -5.91
CA LEU C 175 5.57 11.07 -4.51
C LEU C 175 5.68 12.31 -3.64
N TRP C 176 4.79 12.43 -2.65
CA TRP C 176 4.77 13.58 -1.76
C TRP C 176 4.41 13.11 -0.36
N ARG C 177 4.82 13.91 0.62
CA ARG C 177 4.41 13.69 2.01
C ARG C 177 4.49 15.01 2.74
N ILE C 178 3.83 15.07 3.89
CA ILE C 178 3.72 16.29 4.68
C ILE C 178 4.70 16.21 5.84
N ILE C 179 5.64 17.15 5.88
CA ILE C 179 6.56 17.24 7.02
C ILE C 179 5.82 17.73 8.25
N SER C 180 4.96 18.74 8.09
CA SER C 180 4.18 19.29 9.19
C SER C 180 3.18 20.27 8.61
N GLN C 181 2.02 20.37 9.27
CA GLN C 181 0.93 21.22 8.83
C GLN C 181 0.40 21.98 10.03
N GLY C 182 0.20 23.28 9.87
CA GLY C 182 -0.26 24.11 10.97
C GLY C 182 -1.24 25.16 10.50
N LEU C 183 -2.11 25.57 11.43
CA LEU C 183 -3.07 26.64 11.20
C LEU C 183 -3.04 27.60 12.38
N ARG C 184 -3.05 28.89 12.08
CA ARG C 184 -3.12 29.94 13.08
C ARG C 184 -4.32 30.83 12.77
N ILE C 185 -5.14 31.11 13.77
CA ILE C 185 -6.33 31.94 13.64
C ILE C 185 -6.23 33.08 14.63
N ASP C 186 -6.45 34.30 14.16
CA ASP C 186 -6.52 35.49 15.00
C ASP C 186 -7.85 36.17 14.78
N LEU C 187 -8.53 36.52 15.88
CA LEU C 187 -9.72 37.35 15.78
C LEU C 187 -9.31 38.79 15.55
N ALA C 188 -9.92 39.43 14.54
CA ALA C 188 -9.56 40.79 14.15
C ALA C 188 -10.64 41.80 14.50
N ASN C 189 -11.51 41.47 15.45
CA ASN C 189 -12.56 42.39 15.88
C ASN C 189 -12.04 43.32 16.97
N SER C 190 -12.76 44.42 17.15
CA SER C 190 -12.43 45.39 18.19
C SER C 190 -12.92 44.90 19.55
N ASP C 191 -12.46 45.58 20.60
CA ASP C 191 -12.84 45.21 21.96
C ASP C 191 -14.35 45.32 22.18
N GLU C 192 -15.05 46.07 21.33
CA GLU C 192 -16.50 46.16 21.41
C GLU C 192 -17.21 45.04 20.66
N GLU C 193 -16.46 44.19 19.93
CA GLU C 193 -17.08 43.19 19.08
C GLU C 193 -16.34 41.85 19.12
N ASN C 194 -15.54 41.60 20.16
CA ASN C 194 -14.66 40.43 20.21
C ASN C 194 -15.20 39.33 21.11
N ASP C 195 -16.51 39.10 21.10
CA ASP C 195 -17.12 38.04 21.87
C ASP C 195 -17.15 36.73 21.06
N GLY C 196 -17.47 35.64 21.75
CA GLY C 196 -17.56 34.33 21.15
C GLY C 196 -16.58 33.35 21.74
N TRP C 197 -16.73 32.10 21.33
CA TRP C 197 -15.89 31.01 21.81
C TRP C 197 -15.74 29.96 20.73
N PHE C 198 -14.75 29.09 20.90
CA PHE C 198 -14.46 28.05 19.93
C PHE C 198 -14.21 26.73 20.65
N GLU C 199 -14.35 25.64 19.90
CA GLU C 199 -14.03 24.30 20.38
C GLU C 199 -13.45 23.50 19.22
N ALA C 200 -12.49 22.63 19.53
CA ALA C 200 -11.75 21.93 18.50
C ALA C 200 -11.36 20.55 19.01
N CYS C 201 -11.01 19.67 18.06
CA CYS C 201 -10.50 18.34 18.41
C CYS C 201 -9.90 17.70 17.18
N ARG C 202 -8.89 16.87 17.41
CA ARG C 202 -8.34 16.02 16.37
C ARG C 202 -9.00 14.66 16.41
N PHE C 203 -9.00 13.96 15.28
CA PHE C 203 -9.71 12.70 15.18
C PHE C 203 -9.06 11.81 14.13
N ASN C 204 -9.33 10.52 14.24
CA ASN C 204 -8.98 9.56 13.20
C ASN C 204 -10.03 9.61 12.11
N TRP C 205 -9.61 9.91 10.89
CA TRP C 205 -10.53 10.06 9.77
C TRP C 205 -11.02 8.69 9.29
N ARG C 206 -12.30 8.61 8.95
CA ARG C 206 -12.90 7.35 8.54
C ARG C 206 -12.48 6.92 7.15
N ASN C 207 -11.76 7.77 6.41
CA ASN C 207 -11.19 7.40 5.11
C ASN C 207 -12.28 7.04 4.09
N VAL C 208 -13.30 7.88 4.00
CA VAL C 208 -14.38 7.71 3.04
C VAL C 208 -14.07 8.58 1.83
N PRO C 209 -14.05 8.03 0.61
CA PRO C 209 -13.64 8.84 -0.55
C PRO C 209 -14.44 10.13 -0.72
N ARG C 210 -15.74 10.11 -0.43
CA ARG C 210 -16.55 11.31 -0.63
C ARG C 210 -16.28 12.38 0.42
N ASP C 211 -15.45 12.10 1.42
CA ASP C 211 -15.05 13.12 2.38
C ASP C 211 -14.00 14.07 1.82
N VAL C 212 -13.47 13.81 0.63
CA VAL C 212 -12.51 14.70 -0.01
C VAL C 212 -13.08 15.14 -1.36
N CYS C 213 -12.55 16.26 -1.84
CA CYS C 213 -13.07 16.88 -3.06
C CYS C 213 -11.94 17.63 -3.73
N MET C 214 -12.18 18.04 -4.97
CA MET C 214 -11.21 18.80 -5.74
C MET C 214 -11.82 20.15 -6.12
N THR C 215 -11.03 21.21 -5.96
CA THR C 215 -11.49 22.58 -6.10
C THR C 215 -10.29 23.46 -6.38
N PRO C 216 -10.50 24.64 -7.00
CA PRO C 216 -9.36 25.50 -7.32
C PRO C 216 -8.52 25.86 -6.11
N LEU C 217 -7.21 25.93 -6.30
CA LEU C 217 -6.29 26.21 -5.21
C LEU C 217 -6.52 27.59 -4.61
N ASP C 218 -6.81 28.58 -5.45
CA ASP C 218 -6.89 29.95 -4.99
C ASP C 218 -8.20 30.25 -4.25
N GLY C 219 -9.06 29.27 -4.04
CA GLY C 219 -10.29 29.47 -3.32
C GLY C 219 -11.47 29.91 -4.16
N SER C 220 -11.25 30.21 -5.45
CA SER C 220 -12.32 30.59 -6.34
C SER C 220 -13.01 29.35 -6.89
N THR C 221 -13.94 29.54 -7.82
CA THR C 221 -14.67 28.45 -8.43
C THR C 221 -14.35 28.25 -9.91
N THR C 222 -13.36 28.95 -10.46
CA THR C 222 -13.17 28.99 -11.91
C THR C 222 -11.73 28.87 -12.39
N THR C 223 -10.71 28.96 -11.53
CA THR C 223 -9.36 29.22 -12.01
C THR C 223 -8.81 28.07 -12.86
N ASN C 224 -9.11 26.82 -12.50
CA ASN C 224 -8.55 25.65 -13.15
C ASN C 224 -7.09 25.43 -12.78
N SER C 225 -6.73 25.71 -11.53
CA SER C 225 -5.50 25.23 -10.90
C SER C 225 -5.99 24.50 -9.66
N ILE C 226 -6.20 23.19 -9.78
CA ILE C 226 -7.00 22.42 -8.84
C ILE C 226 -6.14 21.85 -7.74
N GLY C 227 -6.75 21.70 -6.56
CA GLY C 227 -6.14 21.01 -5.44
C GLY C 227 -7.18 20.14 -4.75
N ILE C 228 -6.72 19.41 -3.75
CA ILE C 228 -7.57 18.48 -2.99
C ILE C 228 -7.91 19.12 -1.66
N ALA C 229 -9.18 19.10 -1.30
CA ALA C 229 -9.67 19.70 -0.07
C ALA C 229 -10.56 18.72 0.68
N PRO C 230 -10.74 18.90 1.98
CA PRO C 230 -11.80 18.16 2.68
C PRO C 230 -13.16 18.55 2.15
N ASN C 231 -13.99 17.57 1.90
CA ASN C 231 -15.31 17.80 1.33
C ASN C 231 -16.26 18.33 2.40
N PRO C 232 -17.01 19.40 2.13
CA PRO C 232 -18.04 19.82 3.09
C PRO C 232 -19.09 18.76 3.37
N LEU C 233 -19.19 17.72 2.54
CA LEU C 233 -20.12 16.63 2.83
C LEU C 233 -19.75 15.88 4.10
N TRP C 234 -18.49 15.97 4.53
CA TRP C 234 -18.09 15.35 5.79
C TRP C 234 -18.83 15.95 6.97
N LEU C 235 -19.12 17.25 6.93
CA LEU C 235 -19.86 17.89 8.00
C LEU C 235 -21.28 17.36 8.08
N GLU C 236 -21.92 17.14 6.93
CA GLU C 236 -23.31 16.66 6.93
C GLU C 236 -23.44 15.25 7.45
N GLU C 237 -22.38 14.45 7.39
CA GLU C 237 -22.45 13.05 7.81
C GLU C 237 -21.72 12.75 9.10
N VAL C 238 -20.67 13.51 9.43
CA VAL C 238 -19.89 13.25 10.63
C VAL C 238 -19.80 14.52 11.47
N GLY C 239 -19.37 15.62 10.85
CA GLY C 239 -18.98 16.79 11.63
C GLY C 239 -20.11 17.40 12.43
N TYR C 240 -21.25 17.66 11.78
CA TYR C 240 -22.30 18.43 12.44
C TYR C 240 -22.85 17.71 13.66
N GLY C 241 -23.07 16.40 13.56
CA GLY C 241 -23.59 15.61 14.64
C GLY C 241 -22.55 15.04 15.57
N MET C 242 -21.31 15.50 15.46
CA MET C 242 -20.20 14.91 16.19
C MET C 242 -20.19 15.38 17.63
N ALA C 243 -19.92 14.44 18.55
CA ALA C 243 -19.77 14.74 19.96
C ALA C 243 -18.32 15.14 20.19
N MET C 244 -18.04 16.42 20.00
CA MET C 244 -16.66 16.90 20.08
C MET C 244 -16.10 16.73 21.49
N VAL C 245 -16.92 16.98 22.51
CA VAL C 245 -16.41 16.99 23.88
C VAL C 245 -15.89 15.63 24.30
N GLU C 246 -16.29 14.55 23.62
CA GLU C 246 -15.86 13.21 23.99
C GLU C 246 -14.54 12.80 23.33
N GLN C 247 -14.05 13.56 22.35
CA GLN C 247 -12.81 13.19 21.68
C GLN C 247 -11.61 13.49 22.58
N PRO C 248 -10.65 12.57 22.71
CA PRO C 248 -9.44 12.89 23.47
C PRO C 248 -8.73 14.10 22.90
N GLY C 249 -8.18 14.93 23.78
CA GLY C 249 -7.52 16.14 23.37
C GLY C 249 -8.44 17.30 23.06
N TYR C 250 -9.74 17.13 23.23
CA TYR C 250 -10.67 18.22 22.97
C TYR C 250 -10.36 19.40 23.88
N LYS C 251 -10.48 20.60 23.34
CA LYS C 251 -10.30 21.83 24.09
C LYS C 251 -11.31 22.86 23.62
N SER C 252 -11.55 23.85 24.46
CA SER C 252 -12.42 24.97 24.15
C SER C 252 -11.77 26.24 24.67
N GLY C 253 -12.25 27.38 24.16
CA GLY C 253 -11.70 28.65 24.57
C GLY C 253 -12.51 29.79 23.99
N LEU C 254 -12.10 31.00 24.37
CA LEU C 254 -12.74 32.21 23.87
C LEU C 254 -12.11 32.65 22.55
N LEU C 255 -12.92 33.23 21.68
CA LEU C 255 -12.41 33.69 20.39
C LEU C 255 -11.35 34.77 20.56
N LYS C 256 -11.54 35.65 21.54
CA LYS C 256 -10.56 36.71 21.78
C LYS C 256 -9.21 36.16 22.20
N ASP C 257 -9.15 34.91 22.64
CA ASP C 257 -7.90 34.28 23.05
C ASP C 257 -7.36 33.31 22.02
N ILE C 258 -8.05 33.10 20.90
CA ILE C 258 -7.59 32.12 19.92
C ILE C 258 -6.28 32.54 19.27
N LYS C 259 -5.95 33.84 19.30
CA LYS C 259 -4.68 34.29 18.73
C LYS C 259 -3.49 33.68 19.46
N LYS C 260 -3.67 33.18 20.66
CA LYS C 260 -2.60 32.56 21.42
C LYS C 260 -2.50 31.06 21.20
N ALA C 261 -3.38 30.48 20.38
CA ALA C 261 -3.39 29.05 20.11
C ALA C 261 -2.74 28.75 18.77
N GLU C 262 -2.44 27.47 18.57
CA GLU C 262 -1.89 26.99 17.31
C GLU C 262 -2.37 25.57 17.09
N PHE C 263 -2.87 25.29 15.89
CA PHE C 263 -3.38 23.97 15.54
C PHE C 263 -2.43 23.32 14.55
N MET C 264 -1.98 22.11 14.86
CA MET C 264 -1.14 21.36 13.94
C MET C 264 -1.57 19.90 13.92
N LEU C 265 -1.44 19.27 12.76
CA LEU C 265 -1.70 17.85 12.63
C LEU C 265 -0.55 17.03 13.19
N HIS C 266 -0.84 15.83 13.65
CA HIS C 266 0.15 14.96 14.26
C HIS C 266 0.51 13.82 13.34
N PRO C 267 1.79 13.54 13.13
CA PRO C 267 2.19 12.37 12.36
C PRO C 267 2.30 11.12 13.24
N ARG C 268 2.48 9.99 12.58
CA ARG C 268 2.80 8.75 13.28
C ARG C 268 4.24 8.81 13.81
N THR C 269 4.51 7.94 14.79
CA THR C 269 5.90 7.78 15.24
C THR C 269 6.72 6.94 14.28
N THR C 270 6.09 5.99 13.59
CA THR C 270 6.79 5.09 12.70
C THR C 270 7.10 5.80 11.38
N THR C 271 7.58 5.06 10.39
CA THR C 271 7.98 5.64 9.11
C THR C 271 6.83 6.36 8.45
N HIS C 272 7.10 7.59 7.98
CA HIS C 272 6.10 8.41 7.30
C HIS C 272 6.18 8.10 5.81
N ASP C 273 5.39 7.12 5.38
CA ASP C 273 5.45 6.68 4.00
C ASP C 273 4.90 7.75 3.07
N PRO C 274 5.46 7.92 1.87
CA PRO C 274 4.97 8.94 0.96
C PRO C 274 3.71 8.51 0.22
N THR C 275 3.01 9.50 -0.30
CA THR C 275 1.79 9.30 -1.08
C THR C 275 2.12 9.38 -2.56
N LEU C 276 1.58 8.44 -3.34
CA LEU C 276 1.81 8.36 -4.77
C LEU C 276 0.61 8.93 -5.52
N ILE C 277 0.87 9.81 -6.48
CA ILE C 277 -0.18 10.38 -7.31
C ILE C 277 -0.29 9.54 -8.57
N ASP C 278 -1.40 8.85 -8.72
CA ASP C 278 -1.63 8.01 -9.89
C ASP C 278 -2.26 8.82 -11.00
N PRO C 279 -2.18 8.34 -12.24
CA PRO C 279 -2.95 8.98 -13.33
C PRO C 279 -4.43 8.90 -13.04
N PHE C 280 -5.16 9.94 -13.41
CA PHE C 280 -6.58 10.06 -13.07
C PHE C 280 -7.36 10.54 -14.28
N GLU C 281 -8.22 9.68 -14.80
CA GLU C 281 -9.19 10.02 -15.82
C GLU C 281 -10.56 9.59 -15.32
N TYR C 282 -11.58 10.40 -15.59
CA TYR C 282 -12.88 10.15 -14.99
C TYR C 282 -14.00 10.64 -15.89
N GLY C 283 -15.18 10.09 -15.65
CA GLY C 283 -16.41 10.47 -16.30
C GLY C 283 -17.48 10.63 -15.23
N GLY C 284 -18.56 9.86 -15.33
CA GLY C 284 -19.56 9.84 -14.29
C GLY C 284 -19.06 9.37 -12.93
N SER C 285 -17.81 8.89 -12.85
CA SER C 285 -17.27 8.46 -11.57
C SER C 285 -17.04 9.62 -10.60
N MET C 286 -17.04 10.85 -11.10
CA MET C 286 -17.01 12.04 -10.26
C MET C 286 -18.28 12.84 -10.47
N THR C 287 -18.67 13.58 -9.44
CA THR C 287 -19.89 14.38 -9.48
C THR C 287 -19.73 15.61 -8.62
N SER C 288 -20.72 16.49 -8.70
CA SER C 288 -20.79 17.70 -7.90
C SER C 288 -22.24 17.99 -7.57
N SER C 289 -22.48 19.10 -6.89
CA SER C 289 -23.85 19.51 -6.58
C SER C 289 -24.62 19.90 -7.84
N GLY C 290 -23.93 20.09 -8.96
CA GLY C 290 -24.55 20.49 -10.20
C GLY C 290 -24.71 21.98 -10.39
N GLY C 291 -24.43 22.77 -9.37
CA GLY C 291 -24.56 24.22 -9.45
C GLY C 291 -23.26 24.90 -9.76
N ILE C 292 -23.19 26.19 -9.41
CA ILE C 292 -22.02 27.00 -9.71
C ILE C 292 -20.98 26.97 -8.61
N ASP C 293 -21.12 26.09 -7.62
CA ASP C 293 -20.08 25.96 -6.59
C ASP C 293 -18.85 25.24 -7.14
N ASN C 294 -19.03 24.37 -8.12
CA ASN C 294 -17.92 23.70 -8.80
C ASN C 294 -17.02 22.95 -7.81
N VAL C 295 -17.65 22.30 -6.83
CA VAL C 295 -16.94 21.41 -5.91
C VAL C 295 -17.25 19.99 -6.34
N TYR C 296 -16.23 19.25 -6.76
CA TYR C 296 -16.39 17.94 -7.37
C TYR C 296 -15.80 16.86 -6.46
N TYR C 297 -16.43 15.70 -6.46
CA TYR C 297 -16.06 14.61 -5.57
C TYR C 297 -16.55 13.32 -6.17
N PRO C 298 -16.09 12.17 -5.66
CA PRO C 298 -16.52 10.89 -6.23
C PRO C 298 -18.03 10.69 -6.15
N SER C 299 -18.58 10.07 -7.19
CA SER C 299 -20.03 9.85 -7.24
C SER C 299 -20.47 8.85 -6.19
N ASP C 300 -19.64 7.84 -5.91
CA ASP C 300 -19.87 6.89 -4.84
C ASP C 300 -18.56 6.64 -4.12
N ASN C 301 -18.59 5.75 -3.14
CA ASN C 301 -17.42 5.45 -2.33
C ASN C 301 -16.75 4.13 -2.71
N VAL C 302 -17.24 3.44 -3.73
CA VAL C 302 -16.81 2.08 -4.01
C VAL C 302 -16.11 1.92 -5.36
N SER C 303 -16.20 2.90 -6.25
CA SER C 303 -15.53 2.77 -7.55
C SER C 303 -14.03 2.80 -7.36
N GLY C 304 -13.32 2.20 -8.31
CA GLY C 304 -11.87 2.25 -8.29
C GLY C 304 -11.36 3.68 -8.32
N ASN C 305 -12.02 4.54 -9.09
CA ASN C 305 -11.63 5.94 -9.16
C ASN C 305 -11.79 6.62 -7.80
N ALA C 306 -12.85 6.29 -7.07
CA ALA C 306 -13.05 6.89 -5.76
C ALA C 306 -11.90 6.57 -4.82
N VAL C 307 -11.50 5.31 -4.78
CA VAL C 307 -10.42 4.90 -3.88
C VAL C 307 -9.09 5.50 -4.34
N ARG C 308 -8.86 5.53 -5.65
CA ARG C 308 -7.63 6.13 -6.17
C ARG C 308 -7.56 7.61 -5.80
N PHE C 309 -8.68 8.32 -5.97
CA PHE C 309 -8.74 9.74 -5.61
C PHE C 309 -8.44 9.93 -4.13
N ARG C 310 -9.08 9.12 -3.28
CA ARG C 310 -8.86 9.23 -1.85
C ARG C 310 -7.39 9.00 -1.51
N ASP C 311 -6.79 7.94 -2.06
CA ASP C 311 -5.42 7.60 -1.72
C ASP C 311 -4.45 8.68 -2.18
N MET C 312 -4.63 9.17 -3.41
CA MET C 312 -3.65 10.08 -3.98
C MET C 312 -3.78 11.49 -3.41
N GLY C 313 -4.99 11.88 -3.00
CA GLY C 313 -5.19 13.24 -2.53
C GLY C 313 -4.88 13.48 -1.07
N VAL C 314 -4.69 12.44 -0.27
CA VAL C 314 -4.61 12.57 1.18
C VAL C 314 -3.35 11.88 1.68
N ASP C 315 -2.62 12.56 2.56
CA ASP C 315 -1.54 11.94 3.33
C ASP C 315 -2.19 11.22 4.49
N GLN C 316 -2.32 9.90 4.38
CA GLN C 316 -3.03 9.12 5.38
C GLN C 316 -2.16 8.76 6.58
N ASN C 317 -0.97 9.34 6.70
CA ASN C 317 -0.18 9.25 7.91
C ASN C 317 -0.52 10.33 8.92
N MET C 318 -1.33 11.32 8.54
CA MET C 318 -1.64 12.45 9.40
C MET C 318 -3.10 12.41 9.82
N ASP C 319 -3.36 12.92 11.02
CA ASP C 319 -4.72 13.01 11.54
C ASP C 319 -5.39 14.29 11.02
N TRP C 320 -6.68 14.43 11.33
CA TRP C 320 -7.48 15.58 10.97
C TRP C 320 -7.87 16.35 12.23
N ILE C 321 -8.15 17.65 12.06
CA ILE C 321 -8.62 18.49 13.15
C ILE C 321 -9.89 19.20 12.69
N TYR C 322 -10.85 19.29 13.61
CA TYR C 322 -12.15 19.93 13.38
C TYR C 322 -12.32 21.03 14.40
N ILE C 323 -12.75 22.22 13.94
CA ILE C 323 -12.91 23.39 14.80
C ILE C 323 -14.30 23.96 14.56
N ARG C 324 -14.98 24.31 15.66
CA ARG C 324 -16.24 25.05 15.61
C ARG C 324 -16.00 26.44 16.20
N LEU C 325 -16.30 27.47 15.43
CA LEU C 325 -16.17 28.85 15.88
C LEU C 325 -17.58 29.37 16.14
N HIS C 326 -17.91 29.58 17.41
CA HIS C 326 -19.20 30.15 17.81
C HIS C 326 -19.00 31.66 17.82
N CYS C 327 -19.34 32.29 16.70
CA CYS C 327 -18.93 33.66 16.42
C CYS C 327 -19.99 34.66 16.85
N ARG C 328 -19.63 35.94 16.75
CA ARG C 328 -20.60 37.00 16.87
C ARG C 328 -21.64 36.84 15.76
N PRO C 329 -22.93 37.07 16.05
CA PRO C 329 -23.94 36.90 15.00
C PRO C 329 -23.68 37.80 13.82
N ASN C 330 -24.01 37.30 12.63
CA ASN C 330 -23.90 38.05 11.38
C ASN C 330 -25.28 37.99 10.72
N ASN C 331 -26.15 38.95 11.06
CA ASN C 331 -27.48 39.02 10.48
C ASN C 331 -27.58 40.05 9.36
N GLY C 332 -26.55 40.86 9.15
CA GLY C 332 -26.49 41.79 8.05
C GLY C 332 -26.90 43.20 8.39
N THR C 333 -27.63 43.40 9.48
CA THR C 333 -28.14 44.72 9.85
C THR C 333 -27.55 45.22 11.17
N SER C 334 -27.73 44.48 12.27
CA SER C 334 -27.30 44.94 13.58
C SER C 334 -26.03 44.25 14.07
N SER C 335 -25.74 43.05 13.59
CA SER C 335 -24.52 42.34 13.94
C SER C 335 -23.87 41.85 12.65
N LEU C 336 -22.55 42.00 12.56
CA LEU C 336 -21.84 41.78 11.31
C LEU C 336 -20.71 40.76 11.44
N GLY C 337 -20.79 39.88 12.44
CA GLY C 337 -19.94 38.71 12.47
C GLY C 337 -18.56 38.95 13.05
N SER C 338 -17.81 37.86 13.15
CA SER C 338 -16.43 37.88 13.62
C SER C 338 -15.49 37.81 12.43
N ASN C 339 -14.46 38.64 12.46
CA ASN C 339 -13.47 38.72 11.40
C ASN C 339 -12.19 38.04 11.86
N PHE C 340 -11.67 37.12 11.04
CA PHE C 340 -10.53 36.30 11.39
C PHE C 340 -9.43 36.44 10.35
N LEU C 341 -8.20 36.28 10.82
CA LEU C 341 -7.05 36.10 9.94
C LEU C 341 -6.62 34.64 10.03
N PHE C 342 -6.72 33.92 8.90
CA PHE C 342 -6.30 32.52 8.82
C PHE C 342 -4.91 32.47 8.21
N ASN C 343 -3.98 31.83 8.92
CA ASN C 343 -2.61 31.64 8.45
C ASN C 343 -2.33 30.14 8.44
N VAL C 344 -2.33 29.54 7.26
CA VAL C 344 -2.16 28.11 7.08
C VAL C 344 -0.84 27.84 6.38
N ILE C 345 -0.10 26.86 6.89
CA ILE C 345 1.17 26.44 6.32
C ILE C 345 1.17 24.93 6.19
N GLN C 346 1.66 24.44 5.05
CA GLN C 346 1.78 23.00 4.78
C GLN C 346 3.17 22.73 4.24
N ASN C 347 4.02 22.13 5.07
CA ASN C 347 5.40 21.82 4.69
C ASN C 347 5.44 20.44 4.05
N VAL C 348 5.79 20.40 2.77
CA VAL C 348 5.68 19.18 1.96
C VAL C 348 7.05 18.83 1.40
N GLU C 349 7.33 17.53 1.36
CA GLU C 349 8.53 16.99 0.73
C GLU C 349 8.11 16.13 -0.44
N VAL C 350 8.73 16.33 -1.60
CA VAL C 350 8.38 15.59 -2.81
C VAL C 350 9.65 15.09 -3.48
N ALA C 351 9.48 14.10 -4.35
CA ALA C 351 10.55 13.58 -5.20
C ALA C 351 10.23 13.99 -6.63
N PHE C 352 10.98 14.94 -7.16
CA PHE C 352 10.70 15.47 -8.49
C PHE C 352 11.19 14.51 -9.56
N ASN C 353 10.39 14.37 -10.61
CA ASN C 353 10.74 13.52 -11.74
C ASN C 353 11.68 14.27 -12.69
N PRO C 354 12.48 13.56 -13.49
CA PRO C 354 13.53 14.23 -14.26
C PRO C 354 13.03 15.25 -15.26
N SER C 355 11.76 15.18 -15.68
CA SER C 355 11.22 16.16 -16.61
C SER C 355 10.88 17.50 -15.96
N SER C 356 10.94 17.59 -14.63
CA SER C 356 10.56 18.82 -13.95
C SER C 356 11.72 19.82 -13.93
N ASP C 357 11.37 21.10 -14.02
CA ASP C 357 12.36 22.17 -13.89
C ASP C 357 12.77 22.41 -12.45
N PHE C 358 12.35 21.56 -11.52
CA PHE C 358 12.85 21.56 -10.16
C PHE C 358 13.76 20.39 -9.86
N ALA C 359 13.90 19.43 -10.78
CA ALA C 359 14.70 18.25 -10.52
C ALA C 359 16.16 18.58 -10.28
N ALA C 360 16.67 19.62 -10.94
CA ALA C 360 18.08 19.98 -10.80
C ALA C 360 18.43 20.45 -9.39
N PHE C 361 17.44 20.87 -8.60
CA PHE C 361 17.69 21.44 -7.29
C PHE C 361 17.53 20.45 -6.15
N GLN C 362 17.25 19.19 -6.44
CA GLN C 362 17.03 18.22 -5.37
C GLN C 362 18.32 17.92 -4.61
N THR C 363 18.17 17.64 -3.33
CA THR C 363 19.29 17.31 -2.44
C THR C 363 19.05 15.95 -1.80
N ILE C 364 20.03 15.52 -1.02
CA ILE C 364 19.99 14.21 -0.37
C ILE C 364 19.24 14.31 0.94
N ASN C 365 18.49 13.26 1.26
CA ASN C 365 17.84 13.11 2.56
C ASN C 365 18.71 12.19 3.40
N LYS C 366 19.30 12.74 4.47
CA LYS C 366 20.16 11.99 5.36
C LYS C 366 19.36 11.55 6.58
N ALA C 367 19.38 10.25 6.86
CA ALA C 367 18.66 9.73 8.02
C ALA C 367 19.32 10.19 9.31
N ASP C 368 18.49 10.62 10.26
CA ASP C 368 18.95 11.05 11.57
C ASP C 368 18.42 10.11 12.65
N THR C 369 19.14 10.05 13.77
CA THR C 369 18.80 9.10 14.83
C THR C 369 17.59 9.54 15.64
N LYS C 370 17.35 10.84 15.78
CA LYS C 370 16.35 11.35 16.71
C LYS C 370 14.96 11.51 16.08
N THR C 371 14.78 11.10 14.82
CA THR C 371 13.51 11.35 14.14
C THR C 371 12.35 10.70 14.87
N LYS C 372 12.49 9.43 15.26
CA LYS C 372 11.40 8.73 15.93
C LYS C 372 11.08 9.35 17.28
N MET C 373 12.10 9.73 18.04
CA MET C 373 11.86 10.39 19.32
C MET C 373 11.12 11.70 19.13
N VAL C 374 11.49 12.48 18.11
CA VAL C 374 10.81 13.74 17.85
C VAL C 374 9.35 13.49 17.51
N ALA C 375 9.07 12.53 16.63
CA ALA C 375 7.70 12.25 16.24
C ALA C 375 6.86 11.79 17.44
N ASP C 376 7.42 10.87 18.25
CA ASP C 376 6.68 10.36 19.39
C ASP C 376 6.43 11.45 20.42
N GLY C 377 7.42 12.29 20.69
CA GLY C 377 7.20 13.41 21.59
C GLY C 377 6.14 14.37 21.07
N LEU C 378 6.09 14.56 19.76
CA LEU C 378 5.08 15.45 19.18
C LEU C 378 3.68 14.87 19.35
N ASN C 379 3.48 13.60 19.01
CA ASN C 379 2.14 13.03 18.95
C ASN C 379 1.70 12.40 20.26
N ASN C 380 2.54 12.39 21.30
CA ASN C 380 2.13 11.81 22.57
C ASN C 380 1.10 12.67 23.31
N ASN C 381 0.95 13.94 22.92
CA ASN C 381 -0.04 14.82 23.52
C ASN C 381 -1.19 15.01 22.54
N PRO C 382 -2.39 14.48 22.83
CA PRO C 382 -3.51 14.64 21.90
C PRO C 382 -4.15 16.01 21.90
N ASP C 383 -3.62 16.97 22.67
CA ASP C 383 -4.22 18.29 22.75
C ASP C 383 -4.40 18.87 21.36
N VAL C 384 -5.60 19.43 21.10
CA VAL C 384 -5.92 19.92 19.77
C VAL C 384 -5.08 21.14 19.43
N PHE C 385 -4.81 22.00 20.40
CA PHE C 385 -3.98 23.19 20.16
C PHE C 385 -3.05 23.41 21.35
N ASN C 386 -1.96 24.12 21.08
CA ASN C 386 -0.99 24.53 22.08
C ASN C 386 -0.76 26.03 21.94
N GLY C 387 0.04 26.58 22.85
CA GLY C 387 0.44 27.97 22.74
C GLY C 387 1.41 28.18 21.59
N ARG C 388 1.37 29.38 21.02
CA ARG C 388 2.23 29.72 19.91
C ARG C 388 3.68 29.87 20.36
#